data_3P35
#
_entry.id   3P35
#
_cell.length_a   58.893
_cell.length_b   95.828
_cell.length_c   65.964
_cell.angle_alpha   90.00
_cell.angle_beta   116.34
_cell.angle_gamma   90.00
#
_symmetry.space_group_name_H-M   'P 1 21 1'
#
loop_
_entity.id
_entity.type
_entity.pdbx_description
1 polymer 'Serine/threonine-protein kinase PLK1'
2 polymer phosphopeptide
3 non-polymer GLYCEROL
4 water water
#
loop_
_entity_poly.entity_id
_entity_poly.type
_entity_poly.pdbx_seq_one_letter_code
_entity_poly.pdbx_strand_id
1 'polypeptide(L)'
;GPLGSPEFDCHLSDMLQQLHSVNASKPSERGLVRQEEAEDPACIPIFWVSKWVDYSDKYGLGYQLCDNSVGVLFNDSTRL
ILYNDGDSLQYIERDGTESYLTVSSHPNSLMKKITLLKYFRNYMSEHLLKAGANITPREGDELARLPYLRTWFRTRSAII
LHLSNGSVQINFFQDHTKLILCPLMAAVTYIDEKRDFRTYRLSLLEEYGCCKELASRLRYARTMVDKLLSSR
;
A,B,C
2 'polypeptide(L)' (ACE)MQS(SEP)PL(NH2) D,E
#
loop_
_chem_comp.id
_chem_comp.type
_chem_comp.name
_chem_comp.formula
ACE non-polymer 'ACETYL GROUP' 'C2 H4 O'
GOL non-polymer GLYCEROL 'C3 H8 O3'
NH2 non-polymer 'AMINO GROUP' 'H2 N'
#
# COMPACT_ATOMS: atom_id res chain seq x y z
N CYS A 10 -15.92 11.63 -2.20
CA CYS A 10 -16.32 11.99 -0.81
C CYS A 10 -16.96 10.82 -0.07
N HIS A 11 -17.84 10.09 -0.76
CA HIS A 11 -18.77 9.14 -0.14
C HIS A 11 -19.83 9.86 0.72
N LEU A 12 -19.75 11.19 0.75
CA LEU A 12 -20.65 12.03 1.56
C LEU A 12 -22.11 11.96 1.14
N SER A 13 -22.35 11.96 -0.17
CA SER A 13 -23.71 11.84 -0.69
C SER A 13 -24.39 10.55 -0.22
N ASP A 14 -23.63 9.46 -0.19
CA ASP A 14 -24.15 8.16 0.29
C ASP A 14 -24.46 8.20 1.78
N MET A 15 -23.58 8.81 2.57
CA MET A 15 -23.80 8.96 4.00
CA MET A 15 -23.77 9.00 4.00
C MET A 15 -25.03 9.81 4.27
N LEU A 16 -25.24 10.87 3.49
CA LEU A 16 -26.43 11.70 3.63
C LEU A 16 -27.69 10.85 3.46
N GLN A 17 -27.71 10.04 2.40
CA GLN A 17 -28.85 9.18 2.08
C GLN A 17 -29.10 8.11 3.14
N GLN A 18 -28.02 7.54 3.67
CA GLN A 18 -28.11 6.56 4.76
C GLN A 18 -28.65 7.21 6.02
N LEU A 19 -28.19 8.44 6.32
CA LEU A 19 -28.66 9.19 7.48
C LEU A 19 -30.10 9.69 7.33
N HIS A 20 -30.44 10.18 6.14
CA HIS A 20 -31.81 10.54 5.80
C HIS A 20 -32.76 9.37 6.05
N SER A 21 -32.39 8.18 5.55
CA SER A 21 -33.19 6.98 5.69
CA SER A 21 -33.19 6.98 5.69
C SER A 21 -33.36 6.53 7.14
N VAL A 22 -32.27 6.56 7.91
CA VAL A 22 -32.35 6.13 9.31
C VAL A 22 -33.19 7.10 10.15
N ASN A 23 -32.98 8.40 9.95
CA ASN A 23 -33.76 9.42 10.62
C ASN A 23 -35.25 9.42 10.22
N ALA A 24 -35.51 9.11 8.95
CA ALA A 24 -36.89 8.99 8.43
C ALA A 24 -37.71 7.90 9.14
N SER A 25 -37.05 6.82 9.54
CA SER A 25 -37.72 5.70 10.21
C SER A 25 -38.09 6.02 11.67
N LYS A 26 -37.66 7.19 12.16
CA LYS A 26 -37.85 7.60 13.55
C LYS A 26 -37.61 6.47 14.55
N PRO A 27 -36.34 6.03 14.70
CA PRO A 27 -36.01 4.83 15.47
C PRO A 27 -36.31 4.87 16.97
N SER A 28 -36.45 6.07 17.54
CA SER A 28 -36.75 6.19 18.97
C SER A 28 -38.25 6.23 19.27
N GLU A 29 -39.05 6.36 18.21
CA GLU A 29 -40.52 6.45 18.32
C GLU A 29 -41.20 5.10 18.10
N ARG A 30 -40.76 4.10 18.86
CA ARG A 30 -41.33 2.76 18.77
C ARG A 30 -41.82 2.31 20.14
N GLY A 31 -42.77 1.36 20.16
CA GLY A 31 -43.25 0.74 21.38
C GLY A 31 -42.13 0.01 22.11
N LEU A 32 -41.54 -0.96 21.42
CA LEU A 32 -40.37 -1.67 21.91
C LEU A 32 -39.13 -1.27 21.12
N VAL A 33 -38.02 -1.04 21.84
CA VAL A 33 -36.74 -0.72 21.24
C VAL A 33 -35.74 -1.82 21.56
N ARG A 34 -35.12 -2.37 20.52
CA ARG A 34 -34.18 -3.48 20.68
C ARG A 34 -32.82 -3.12 20.07
N GLN A 35 -32.23 -2.06 20.61
CA GLN A 35 -30.97 -1.47 20.12
C GLN A 35 -29.84 -2.50 19.97
N GLU A 36 -29.74 -3.42 20.93
CA GLU A 36 -28.69 -4.43 20.96
C GLU A 36 -28.69 -5.34 19.74
N GLU A 37 -29.87 -5.54 19.15
CA GLU A 37 -30.04 -6.42 17.99
C GLU A 37 -29.52 -5.79 16.70
N ALA A 38 -29.25 -4.49 16.74
CA ALA A 38 -28.71 -3.76 15.60
C ALA A 38 -27.18 -3.78 15.58
N GLU A 39 -26.58 -4.36 16.62
CA GLU A 39 -25.12 -4.38 16.74
C GLU A 39 -24.49 -5.29 15.70
N ASP A 40 -23.41 -4.82 15.08
CA ASP A 40 -22.68 -5.59 14.09
C ASP A 40 -21.17 -5.40 14.25
N PRO A 41 -20.49 -6.44 14.80
CA PRO A 41 -19.05 -6.41 15.04
C PRO A 41 -18.20 -6.47 13.78
N ALA A 42 -18.79 -6.87 12.65
CA ALA A 42 -18.07 -6.91 11.38
C ALA A 42 -17.88 -5.52 10.81
N CYS A 43 -18.58 -4.54 11.37
CA CYS A 43 -18.58 -3.19 10.85
C CYS A 43 -17.79 -2.18 11.71
N ILE A 44 -17.06 -2.68 12.70
CA ILE A 44 -16.18 -1.84 13.54
C ILE A 44 -15.15 -1.11 12.67
N PRO A 45 -14.99 0.21 12.87
CA PRO A 45 -14.07 0.97 12.02
C PRO A 45 -12.62 0.57 12.21
N ILE A 46 -11.82 0.75 11.17
CA ILE A 46 -10.38 0.53 11.21
C ILE A 46 -9.69 1.81 11.70
N PHE A 47 -10.21 2.96 11.27
CA PHE A 47 -9.59 4.25 11.57
C PHE A 47 -10.57 5.24 12.18
N TRP A 48 -10.06 6.03 13.13
CA TRP A 48 -10.76 7.19 13.65
C TRP A 48 -9.74 8.16 14.24
N VAL A 49 -10.17 9.39 14.48
CA VAL A 49 -9.32 10.39 15.10
C VAL A 49 -9.39 10.20 16.61
N SER A 50 -8.22 10.01 17.22
CA SER A 50 -8.09 9.77 18.65
C SER A 50 -7.73 11.03 19.44
N LYS A 51 -7.06 11.97 18.78
CA LYS A 51 -6.64 13.23 19.39
C LYS A 51 -6.62 14.32 18.32
N TRP A 52 -6.91 15.56 18.70
CA TRP A 52 -6.81 16.70 17.78
C TRP A 52 -6.48 18.00 18.50
N VAL A 53 -5.93 18.95 17.75
CA VAL A 53 -5.58 20.28 18.27
C VAL A 53 -5.87 21.34 17.21
N ASP A 54 -6.76 22.27 17.52
CA ASP A 54 -7.10 23.34 16.59
C ASP A 54 -6.32 24.62 16.91
N TYR A 55 -5.13 24.74 16.32
CA TYR A 55 -4.42 26.01 16.33
C TYR A 55 -4.34 26.56 14.90
N SER A 56 -5.48 26.50 14.21
CA SER A 56 -5.57 26.86 12.78
C SER A 56 -5.39 28.36 12.49
N ASP A 57 -5.56 29.20 13.51
CA ASP A 57 -5.39 30.63 13.30
CA ASP A 57 -5.40 30.65 13.36
C ASP A 57 -3.93 31.06 13.23
N LYS A 58 -3.01 30.15 13.58
CA LYS A 58 -1.57 30.43 13.51
C LYS A 58 -0.70 29.29 12.97
N TYR A 59 -1.00 28.05 13.37
CA TYR A 59 -0.13 26.90 13.06
C TYR A 59 -0.80 25.84 12.17
N GLY A 60 -2.11 25.67 12.35
CA GLY A 60 -2.86 24.64 11.62
C GLY A 60 -3.64 23.70 12.52
N LEU A 61 -4.23 22.68 11.91
CA LEU A 61 -4.92 21.64 12.68
C LEU A 61 -4.10 20.36 12.67
N GLY A 62 -3.74 19.90 13.87
CA GLY A 62 -3.03 18.65 14.05
C GLY A 62 -3.93 17.60 14.66
N TYR A 63 -3.70 16.34 14.27
CA TYR A 63 -4.53 15.23 14.75
C TYR A 63 -3.73 13.94 14.83
N GLN A 64 -4.24 13.00 15.62
CA GLN A 64 -3.69 11.66 15.70
C GLN A 64 -4.80 10.68 15.34
N LEU A 65 -4.47 9.69 14.51
CA LEU A 65 -5.38 8.58 14.26
C LEU A 65 -5.12 7.49 15.28
N CYS A 66 -6.05 6.55 15.38
CA CYS A 66 -5.99 5.48 16.38
C CYS A 66 -4.76 4.56 16.26
N ASP A 67 -4.19 4.46 15.06
CA ASP A 67 -2.98 3.64 14.85
C ASP A 67 -1.70 4.37 15.30
N ASN A 68 -1.87 5.56 15.89
CA ASN A 68 -0.77 6.41 16.39
C ASN A 68 -0.03 7.22 15.33
N SER A 69 -0.53 7.22 14.10
CA SER A 69 -0.03 8.10 13.05
C SER A 69 -0.50 9.52 13.36
N VAL A 70 0.24 10.52 12.91
N VAL A 70 0.23 10.51 12.87
CA VAL A 70 -0.15 11.90 13.12
CA VAL A 70 -0.05 11.92 13.13
C VAL A 70 -0.22 12.66 11.81
C VAL A 70 -0.12 12.74 11.84
N GLY A 71 -1.06 13.68 11.78
CA GLY A 71 -1.22 14.54 10.60
C GLY A 71 -1.38 16.00 10.97
N VAL A 72 -0.97 16.88 10.06
CA VAL A 72 -1.19 18.31 10.22
C VAL A 72 -1.72 18.92 8.93
N LEU A 73 -2.79 19.68 9.05
CA LEU A 73 -3.30 20.53 7.96
C LEU A 73 -2.78 21.93 8.20
N PHE A 74 -1.78 22.32 7.41
CA PHE A 74 -1.22 23.68 7.50
C PHE A 74 -2.16 24.68 6.85
N ASN A 75 -1.98 25.95 7.17
CA ASN A 75 -2.86 27.02 6.67
C ASN A 75 -2.69 27.34 5.18
N ASP A 76 -1.60 26.86 4.57
CA ASP A 76 -1.39 27.04 3.13
C ASP A 76 -2.03 25.92 2.30
N SER A 77 -2.94 25.19 2.95
CA SER A 77 -3.70 24.08 2.36
C SER A 77 -2.90 22.81 2.07
N THR A 78 -1.64 22.77 2.52
CA THR A 78 -0.84 21.55 2.40
C THR A 78 -1.04 20.66 3.63
N ARG A 79 -0.73 19.38 3.48
CA ARG A 79 -0.87 18.41 4.54
C ARG A 79 0.40 17.58 4.68
N LEU A 80 0.75 17.26 5.92
CA LEU A 80 1.86 16.36 6.19
C LEU A 80 1.43 15.28 7.16
N ILE A 81 1.72 14.03 6.81
CA ILE A 81 1.41 12.94 7.73
C ILE A 81 2.64 12.09 8.08
N LEU A 82 2.75 11.79 9.37
CA LEU A 82 3.79 10.90 9.87
C LEU A 82 3.15 9.56 10.21
N TYR A 83 3.64 8.50 9.57
CA TYR A 83 3.17 7.13 9.82
C TYR A 83 3.63 6.65 11.19
N ASN A 84 2.97 5.61 11.70
CA ASN A 84 3.26 5.12 13.05
C ASN A 84 4.62 4.42 13.22
N ASP A 85 5.40 4.34 12.15
CA ASP A 85 6.77 3.85 12.25
C ASP A 85 7.70 4.97 12.73
N GLY A 86 7.16 6.18 12.86
CA GLY A 86 7.88 7.32 13.41
C GLY A 86 8.94 7.91 12.50
N ASP A 87 8.89 7.55 11.21
CA ASP A 87 9.88 8.05 10.27
C ASP A 87 9.34 8.35 8.87
N SER A 88 8.45 7.51 8.38
CA SER A 88 7.89 7.67 7.03
C SER A 88 6.88 8.83 6.94
N LEU A 89 7.08 9.70 5.96
CA LEU A 89 6.20 10.84 5.76
C LEU A 89 5.48 10.79 4.42
N GLN A 90 4.24 11.23 4.41
CA GLN A 90 3.51 11.51 3.18
C GLN A 90 3.16 12.99 3.18
N TYR A 91 3.64 13.69 2.15
CA TYR A 91 3.38 15.12 2.03
C TYR A 91 2.44 15.41 0.86
N ILE A 92 1.30 16.04 1.16
CA ILE A 92 0.31 16.36 0.13
C ILE A 92 0.29 17.87 -0.14
N GLU A 93 0.55 18.23 -1.40
CA GLU A 93 0.63 19.63 -1.83
C GLU A 93 -0.75 20.22 -2.18
N ARG A 94 -0.74 21.50 -2.54
CA ARG A 94 -1.97 22.22 -2.89
CA ARG A 94 -1.96 22.24 -2.91
C ARG A 94 -2.74 21.53 -4.02
N ASP A 95 -2.01 21.07 -5.04
CA ASP A 95 -2.63 20.42 -6.21
C ASP A 95 -2.91 18.92 -6.01
N GLY A 96 -2.69 18.42 -4.80
CA GLY A 96 -2.95 17.02 -4.48
C GLY A 96 -1.82 16.06 -4.80
N THR A 97 -0.71 16.60 -5.31
CA THR A 97 0.50 15.81 -5.52
C THR A 97 0.99 15.25 -4.18
N GLU A 98 1.21 13.94 -4.15
CA GLU A 98 1.71 13.27 -2.95
C GLU A 98 3.16 12.88 -3.13
N SER A 99 3.93 12.97 -2.04
CA SER A 99 5.32 12.53 -2.07
C SER A 99 5.81 11.91 -0.76
N TYR A 100 6.76 11.00 -0.90
CA TYR A 100 7.32 10.22 0.19
C TYR A 100 8.65 10.80 0.60
N LEU A 101 8.79 11.07 1.90
CA LEU A 101 10.07 11.42 2.47
C LEU A 101 10.20 10.83 3.87
N THR A 102 11.37 10.96 4.48
CA THR A 102 11.60 10.42 5.84
C THR A 102 12.14 11.51 6.75
N VAL A 103 11.80 11.43 8.04
CA VAL A 103 12.29 12.37 9.05
C VAL A 103 13.81 12.23 9.19
N SER A 104 14.27 10.98 9.26
CA SER A 104 15.69 10.67 9.46
C SER A 104 16.61 11.20 8.35
N SER A 105 16.05 11.41 7.16
CA SER A 105 16.84 11.95 6.05
C SER A 105 17.08 13.46 6.17
N HIS A 106 16.37 14.09 7.11
CA HIS A 106 16.39 15.55 7.30
C HIS A 106 16.32 16.27 5.95
N PRO A 107 15.13 16.20 5.30
CA PRO A 107 14.98 16.73 3.95
C PRO A 107 15.02 18.26 3.90
N ASN A 108 15.87 18.78 3.02
CA ASN A 108 16.12 20.22 2.89
C ASN A 108 14.83 21.04 2.80
N SER A 109 13.93 20.61 1.92
CA SER A 109 12.71 21.34 1.62
C SER A 109 11.73 21.51 2.80
N LEU A 110 11.60 20.49 3.64
CA LEU A 110 10.45 20.43 4.56
C LEU A 110 10.73 20.46 6.07
N MET A 111 11.91 20.91 6.47
CA MET A 111 12.27 20.87 7.90
C MET A 111 11.33 21.68 8.80
N LYS A 112 10.91 22.85 8.33
CA LYS A 112 10.05 23.73 9.12
C LYS A 112 8.68 23.09 9.38
N LYS A 113 8.12 22.47 8.34
CA LYS A 113 6.85 21.76 8.49
C LYS A 113 6.99 20.47 9.30
N ILE A 114 8.10 19.76 9.12
CA ILE A 114 8.39 18.56 9.92
C ILE A 114 8.56 18.91 11.41
N THR A 115 9.20 20.04 11.69
CA THR A 115 9.36 20.51 13.07
C THR A 115 8.02 20.90 13.70
N LEU A 116 7.15 21.56 12.93
CA LEU A 116 5.83 21.93 13.41
C LEU A 116 5.01 20.69 13.75
N LEU A 117 5.06 19.68 12.88
CA LEU A 117 4.38 18.40 13.12
C LEU A 117 4.86 17.75 14.41
N LYS A 118 6.17 17.79 14.64
CA LYS A 118 6.74 17.26 15.89
C LYS A 118 6.21 18.01 17.11
N TYR A 119 6.08 19.33 17.02
CA TYR A 119 5.43 20.13 18.06
C TYR A 119 4.02 19.64 18.37
N PHE A 120 3.22 19.46 17.32
CA PHE A 120 1.87 18.90 17.41
C PHE A 120 1.88 17.51 18.03
N ARG A 121 2.75 16.65 17.50
CA ARG A 121 2.91 15.27 17.95
C ARG A 121 3.21 15.20 19.43
N ASN A 122 4.20 15.98 19.87
CA ASN A 122 4.59 16.02 21.27
C ASN A 122 3.51 16.58 22.17
N TYR A 123 2.80 17.59 21.69
CA TYR A 123 1.71 18.18 22.45
C TYR A 123 0.59 17.18 22.71
N MET A 124 0.16 16.49 21.66
CA MET A 124 -0.92 15.50 21.78
C MET A 124 -0.51 14.35 22.69
N SER A 125 0.78 14.00 22.65
CA SER A 125 1.30 12.90 23.42
C SER A 125 1.34 13.18 24.92
N GLU A 126 1.72 14.40 25.30
CA GLU A 126 1.86 14.73 26.72
C GLU A 126 0.66 15.46 27.34
N HIS A 127 -0.37 15.73 26.54
CA HIS A 127 -1.53 16.49 27.03
C HIS A 127 -2.88 15.80 26.90
N LEU A 128 -3.03 14.92 25.93
CA LEU A 128 -4.36 14.51 25.49
C LEU A 128 -4.67 13.02 25.58
N LEU A 129 -5.91 12.73 25.98
CA LEU A 129 -6.47 11.39 26.03
C LEU A 129 -6.61 10.79 24.63
N LYS A 130 -6.38 9.49 24.52
CA LYS A 130 -6.59 8.79 23.26
C LYS A 130 -8.04 8.28 23.18
N ALA A 131 -8.80 8.87 22.28
CA ALA A 131 -10.19 8.47 22.06
C ALA A 131 -10.27 7.06 21.49
N GLY A 132 -11.20 6.27 22.03
CA GLY A 132 -11.44 4.91 21.56
C GLY A 132 -10.29 3.96 21.81
N ALA A 133 -9.52 4.24 22.86
CA ALA A 133 -8.38 3.40 23.23
C ALA A 133 -8.79 1.96 23.57
N ASN A 134 -10.05 1.79 23.95
CA ASN A 134 -10.60 0.47 24.30
C ASN A 134 -11.24 -0.27 23.12
N ILE A 135 -11.13 0.29 21.92
CA ILE A 135 -11.68 -0.33 20.73
C ILE A 135 -10.59 -1.06 19.94
N THR A 136 -10.82 -2.34 19.68
CA THR A 136 -9.98 -3.08 18.74
C THR A 136 -10.54 -2.91 17.33
N PRO A 137 -9.75 -2.33 16.41
CA PRO A 137 -10.21 -2.12 15.03
C PRO A 137 -10.44 -3.43 14.27
N ARG A 138 -11.26 -3.35 13.22
CA ARG A 138 -11.59 -4.49 12.37
C ARG A 138 -10.34 -5.04 11.69
N ARG A 145 -5.14 1.46 2.97
CA ARG A 145 -4.43 2.74 2.88
C ARG A 145 -4.87 3.71 3.96
N LEU A 146 -3.89 4.41 4.53
CA LEU A 146 -4.09 5.34 5.62
C LEU A 146 -4.83 6.59 5.16
N PRO A 147 -5.97 6.91 5.80
CA PRO A 147 -6.72 8.10 5.43
C PRO A 147 -6.12 9.36 6.07
N TYR A 148 -6.45 10.52 5.50
CA TYR A 148 -6.06 11.81 6.07
C TYR A 148 -7.31 12.64 6.33
N LEU A 149 -7.14 13.71 7.09
CA LEU A 149 -8.26 14.60 7.36
C LEU A 149 -8.51 15.48 6.13
N ARG A 150 -9.63 15.23 5.44
CA ARG A 150 -9.98 15.95 4.22
C ARG A 150 -10.58 17.32 4.55
N THR A 151 -11.60 17.31 5.40
CA THR A 151 -12.29 18.53 5.80
C THR A 151 -12.67 18.43 7.29
N TRP A 152 -12.76 19.59 7.93
CA TRP A 152 -13.18 19.69 9.32
C TRP A 152 -13.76 21.08 9.59
N PHE A 153 -14.60 21.16 10.61
CA PHE A 153 -15.06 22.44 11.17
C PHE A 153 -15.49 22.25 12.63
N ARG A 154 -15.54 23.34 13.38
CA ARG A 154 -16.06 23.31 14.75
C ARG A 154 -17.34 24.14 14.84
N THR A 155 -18.28 23.62 15.62
CA THR A 155 -19.48 24.36 16.00
C THR A 155 -19.34 24.66 17.49
N ARG A 156 -20.38 25.22 18.10
CA ARG A 156 -20.40 25.38 19.55
C ARG A 156 -20.49 24.03 20.26
N SER A 157 -21.17 23.08 19.63
CA SER A 157 -21.49 21.77 20.24
C SER A 157 -20.49 20.65 19.95
N ALA A 158 -19.86 20.72 18.78
CA ALA A 158 -19.03 19.61 18.30
C ALA A 158 -17.92 20.00 17.32
N ILE A 159 -17.01 19.06 17.09
CA ILE A 159 -16.09 19.13 15.97
C ILE A 159 -16.47 18.03 14.98
N ILE A 160 -16.43 18.36 13.70
CA ILE A 160 -16.83 17.44 12.64
C ILE A 160 -15.61 17.15 11.78
N LEU A 161 -15.29 15.86 11.64
CA LEU A 161 -14.06 15.43 11.01
C LEU A 161 -14.34 14.46 9.87
N HIS A 162 -14.05 14.91 8.66
CA HIS A 162 -14.30 14.13 7.45
C HIS A 162 -12.99 13.54 6.93
N LEU A 163 -12.85 12.22 7.03
CA LEU A 163 -11.62 11.54 6.61
C LEU A 163 -11.69 11.14 5.13
N SER A 164 -10.51 10.97 4.52
CA SER A 164 -10.42 10.71 3.08
C SER A 164 -10.92 9.34 2.66
N ASN A 165 -11.19 8.46 3.63
CA ASN A 165 -11.76 7.13 3.34
C ASN A 165 -13.29 7.13 3.36
N GLY A 166 -13.87 8.32 3.47
CA GLY A 166 -15.33 8.48 3.50
C GLY A 166 -15.90 8.64 4.90
N SER A 167 -15.10 8.33 5.91
CA SER A 167 -15.59 8.41 7.29
C SER A 167 -15.84 9.83 7.75
N VAL A 168 -16.93 10.00 8.51
CA VAL A 168 -17.24 11.27 9.17
C VAL A 168 -17.32 11.02 10.67
N GLN A 169 -16.46 11.69 11.41
CA GLN A 169 -16.45 11.58 12.86
C GLN A 169 -17.00 12.85 13.49
N ILE A 170 -17.82 12.70 14.52
CA ILE A 170 -18.36 13.86 15.23
C ILE A 170 -18.14 13.71 16.73
N ASN A 171 -17.25 14.55 17.29
CA ASN A 171 -17.03 14.60 18.73
C ASN A 171 -17.87 15.69 19.39
N PHE A 172 -18.73 15.29 20.33
CA PHE A 172 -19.58 16.23 21.05
C PHE A 172 -18.85 16.76 22.29
N PHE A 173 -18.79 18.09 22.40
CA PHE A 173 -17.96 18.76 23.39
C PHE A 173 -18.38 18.58 24.85
N GLN A 174 -19.66 18.80 25.12
CA GLN A 174 -20.16 18.91 26.50
C GLN A 174 -20.18 17.59 27.28
N ASP A 175 -20.52 16.48 26.62
CA ASP A 175 -20.64 15.18 27.30
C ASP A 175 -19.64 14.13 26.80
N HIS A 176 -18.79 14.54 25.85
CA HIS A 176 -17.70 13.71 25.31
C HIS A 176 -18.13 12.49 24.50
N THR A 177 -19.41 12.46 24.09
CA THR A 177 -19.93 11.38 23.25
C THR A 177 -19.47 11.56 21.81
N LYS A 178 -19.34 10.46 21.08
CA LYS A 178 -18.77 10.50 19.74
C LYS A 178 -19.48 9.58 18.76
N LEU A 179 -19.56 10.01 17.50
CA LEU A 179 -20.07 9.17 16.43
C LEU A 179 -18.98 8.97 15.40
N ILE A 180 -18.80 7.72 14.97
CA ILE A 180 -17.97 7.42 13.81
C ILE A 180 -18.87 6.80 12.75
N LEU A 181 -19.06 7.53 11.66
CA LEU A 181 -19.94 7.12 10.57
C LEU A 181 -19.11 6.63 9.39
N CYS A 182 -19.42 5.43 8.92
CA CYS A 182 -18.79 4.89 7.72
C CYS A 182 -19.85 4.61 6.65
N PRO A 183 -19.76 5.29 5.51
CA PRO A 183 -20.74 5.10 4.44
C PRO A 183 -20.50 3.81 3.64
N LEU A 184 -19.28 3.27 3.74
CA LEU A 184 -18.94 2.01 3.07
C LEU A 184 -19.62 0.81 3.73
N MET A 185 -19.58 0.77 5.06
CA MET A 185 -20.25 -0.29 5.82
C MET A 185 -21.70 0.08 6.12
N ALA A 186 -22.08 1.33 5.81
CA ALA A 186 -23.40 1.87 6.14
C ALA A 186 -23.69 1.67 7.62
N ALA A 187 -22.75 2.14 8.43
CA ALA A 187 -22.70 1.83 9.84
C ALA A 187 -22.29 3.03 10.68
N VAL A 188 -22.71 3.02 11.94
CA VAL A 188 -22.32 4.04 12.91
C VAL A 188 -21.73 3.39 14.17
N THR A 189 -20.62 3.93 14.65
CA THR A 189 -20.07 3.58 15.96
C THR A 189 -20.37 4.71 16.93
N TYR A 190 -20.94 4.34 18.08
CA TYR A 190 -21.31 5.33 19.09
C TYR A 190 -20.55 5.11 20.39
N ILE A 191 -19.80 6.14 20.80
CA ILE A 191 -19.07 6.12 22.07
C ILE A 191 -19.81 7.00 23.06
N ASP A 192 -20.34 6.38 24.12
CA ASP A 192 -21.11 7.10 25.13
C ASP A 192 -20.24 7.83 26.15
N GLU A 193 -20.89 8.51 27.10
CA GLU A 193 -20.21 9.33 28.09
C GLU A 193 -19.35 8.53 29.09
N LYS A 194 -19.62 7.22 29.20
CA LYS A 194 -18.79 6.35 30.04
C LYS A 194 -17.78 5.54 29.22
N ARG A 195 -17.45 6.06 28.03
CA ARG A 195 -16.47 5.48 27.09
C ARG A 195 -16.81 4.08 26.58
N ASP A 196 -18.08 3.71 26.70
CA ASP A 196 -18.56 2.44 26.17
C ASP A 196 -18.89 2.62 24.70
N PHE A 197 -18.52 1.64 23.89
CA PHE A 197 -18.73 1.74 22.45
C PHE A 197 -19.54 0.59 21.88
N ARG A 198 -20.34 0.90 20.87
CA ARG A 198 -21.08 -0.08 20.10
C ARG A 198 -21.04 0.29 18.63
N THR A 199 -21.08 -0.72 17.76
CA THR A 199 -21.13 -0.49 16.32
C THR A 199 -22.42 -1.08 15.77
N TYR A 200 -23.21 -0.21 15.13
CA TYR A 200 -24.50 -0.61 14.59
C TYR A 200 -24.55 -0.49 13.08
N ARG A 201 -25.20 -1.46 12.44
CA ARG A 201 -25.57 -1.32 11.04
C ARG A 201 -26.79 -0.41 10.98
N LEU A 202 -26.74 0.62 10.15
CA LEU A 202 -27.82 1.63 10.08
C LEU A 202 -29.17 1.05 9.66
N SER A 203 -29.16 0.11 8.72
CA SER A 203 -30.39 -0.55 8.28
C SER A 203 -31.04 -1.34 9.40
N LEU A 204 -30.21 -1.89 10.30
CA LEU A 204 -30.71 -2.64 11.45
C LEU A 204 -31.27 -1.71 12.54
N LEU A 205 -30.71 -0.51 12.65
CA LEU A 205 -31.26 0.54 13.51
C LEU A 205 -32.64 0.99 13.04
N GLU A 206 -32.85 0.99 11.73
CA GLU A 206 -34.17 1.28 11.15
C GLU A 206 -35.19 0.24 11.61
N GLU A 207 -34.76 -1.02 11.63
CA GLU A 207 -35.63 -2.14 11.95
C GLU A 207 -35.93 -2.26 13.45
N TYR A 208 -34.88 -2.21 14.27
CA TYR A 208 -35.00 -2.51 15.70
C TYR A 208 -35.20 -1.28 16.58
N GLY A 209 -34.80 -0.11 16.10
CA GLY A 209 -34.92 1.13 16.87
C GLY A 209 -33.71 1.40 17.74
N CYS A 210 -33.70 2.58 18.38
CA CYS A 210 -32.66 2.96 19.33
C CYS A 210 -33.16 3.97 20.36
N CYS A 211 -32.33 4.27 21.36
CA CYS A 211 -32.68 5.23 22.41
C CYS A 211 -32.73 6.66 21.86
N LYS A 212 -33.38 7.54 22.60
CA LYS A 212 -33.51 8.95 22.22
C LYS A 212 -32.15 9.63 22.10
N GLU A 213 -31.21 9.20 22.94
CA GLU A 213 -29.84 9.72 22.95
C GLU A 213 -29.13 9.53 21.60
N LEU A 214 -29.10 8.29 21.10
CA LEU A 214 -28.49 8.00 19.81
C LEU A 214 -29.26 8.64 18.64
N ALA A 215 -30.59 8.58 18.69
CA ALA A 215 -31.47 9.16 17.68
C ALA A 215 -31.22 10.66 17.43
N SER A 216 -31.12 11.45 18.50
CA SER A 216 -30.93 12.89 18.36
C SER A 216 -29.54 13.23 17.82
N ARG A 217 -28.55 12.41 18.19
CA ARG A 217 -27.20 12.58 17.67
C ARG A 217 -27.09 12.25 16.19
N LEU A 218 -27.87 11.28 15.74
CA LEU A 218 -27.94 10.95 14.30
C LEU A 218 -28.67 12.03 13.51
N ARG A 219 -29.63 12.70 14.16
CA ARG A 219 -30.32 13.85 13.57
C ARG A 219 -29.35 15.01 13.34
N TYR A 220 -28.52 15.30 14.35
CA TYR A 220 -27.51 16.36 14.24
C TYR A 220 -26.44 16.01 13.20
N ALA A 221 -26.10 14.72 13.14
CA ALA A 221 -25.12 14.21 12.18
C ALA A 221 -25.56 14.51 10.75
N ARG A 222 -26.85 14.33 10.48
CA ARG A 222 -27.40 14.61 9.14
C ARG A 222 -27.27 16.10 8.78
N THR A 223 -27.58 16.98 9.74
CA THR A 223 -27.40 18.41 9.58
C THR A 223 -25.95 18.73 9.22
N MET A 224 -25.03 18.03 9.90
CA MET A 224 -23.60 18.24 9.72
C MET A 224 -23.08 17.76 8.37
N VAL A 225 -23.56 16.60 7.91
CA VAL A 225 -23.25 16.10 6.57
C VAL A 225 -23.86 17.03 5.51
N ASP A 226 -25.12 17.45 5.70
CA ASP A 226 -25.74 18.48 4.85
C ASP A 226 -24.85 19.73 4.74
N LYS A 227 -24.30 20.16 5.88
CA LYS A 227 -23.37 21.29 5.94
C LYS A 227 -22.10 21.06 5.12
N LEU A 228 -21.47 19.90 5.31
CA LEU A 228 -20.26 19.53 4.56
C LEU A 228 -20.49 19.59 3.06
N LEU A 229 -21.60 18.98 2.62
CA LEU A 229 -22.01 18.98 1.21
C LEU A 229 -22.35 20.37 0.66
N SER A 230 -22.92 21.23 1.52
CA SER A 230 -23.32 22.57 1.10
CA SER A 230 -23.31 22.57 1.10
C SER A 230 -22.15 23.56 1.11
N SER A 231 -21.08 23.22 1.82
CA SER A 231 -19.89 24.06 1.87
C SER A 231 -18.96 23.83 0.65
N ARG A 232 -19.27 22.83 -0.16
CA ARG A 232 -18.54 22.59 -1.41
C ARG A 232 -18.91 23.64 -2.47
N CYS B 10 -8.66 1.27 -35.68
CA CYS B 10 -9.54 2.21 -34.91
C CYS B 10 -9.85 1.66 -33.51
N HIS B 11 -8.80 1.51 -32.70
CA HIS B 11 -8.91 0.96 -31.36
CA HIS B 11 -8.90 0.96 -31.36
C HIS B 11 -9.66 1.89 -30.40
N LEU B 12 -9.40 3.19 -30.49
CA LEU B 12 -10.06 4.19 -29.67
C LEU B 12 -11.54 4.32 -30.00
N SER B 13 -11.86 4.19 -31.29
CA SER B 13 -13.23 4.22 -31.78
C SER B 13 -14.02 3.00 -31.31
N ASP B 14 -13.38 1.82 -31.34
CA ASP B 14 -13.99 0.59 -30.84
C ASP B 14 -14.25 0.69 -29.35
N MET B 15 -13.24 1.11 -28.59
CA MET B 15 -13.36 1.27 -27.15
C MET B 15 -14.50 2.22 -26.79
N LEU B 16 -14.60 3.30 -27.55
CA LEU B 16 -15.63 4.31 -27.38
C LEU B 16 -17.02 3.71 -27.61
N GLN B 17 -17.11 2.83 -28.60
CA GLN B 17 -18.35 2.11 -28.93
C GLN B 17 -18.72 1.11 -27.84
N GLN B 18 -17.70 0.41 -27.31
CA GLN B 18 -17.86 -0.54 -26.22
C GLN B 18 -18.30 0.15 -24.94
N LEU B 19 -17.72 1.33 -24.67
CA LEU B 19 -18.11 2.12 -23.51
C LEU B 19 -19.52 2.69 -23.69
N HIS B 20 -19.83 3.17 -24.89
CA HIS B 20 -21.17 3.64 -25.20
C HIS B 20 -22.20 2.58 -24.90
N SER B 21 -21.94 1.36 -25.36
CA SER B 21 -22.87 0.25 -25.20
CA SER B 21 -22.87 0.24 -25.20
C SER B 21 -23.17 -0.07 -23.73
N VAL B 22 -22.12 -0.15 -22.92
CA VAL B 22 -22.30 -0.46 -21.49
C VAL B 22 -22.93 0.69 -20.70
N ASN B 23 -22.52 1.92 -20.99
CA ASN B 23 -23.04 3.09 -20.28
C ASN B 23 -24.53 3.31 -20.56
N ALA B 24 -24.93 3.18 -21.82
CA ALA B 24 -26.34 3.28 -22.22
C ALA B 24 -27.26 2.24 -21.56
N SER B 25 -26.69 1.15 -21.05
CA SER B 25 -27.48 0.09 -20.41
C SER B 25 -27.86 0.40 -18.95
N LYS B 26 -27.32 1.50 -18.41
CA LYS B 26 -27.46 1.86 -16.99
C LYS B 26 -27.27 0.65 -16.06
N PRO B 27 -26.03 0.10 -16.00
CA PRO B 27 -25.79 -1.16 -15.28
C PRO B 27 -25.98 -1.08 -13.77
N SER B 28 -25.92 0.12 -13.21
CA SER B 28 -26.05 0.30 -11.76
C SER B 28 -27.46 0.71 -11.31
N GLU B 29 -28.34 1.00 -12.27
CA GLU B 29 -29.71 1.38 -11.96
C GLU B 29 -30.62 0.17 -11.74
N ARG B 30 -30.03 -1.01 -11.67
CA ARG B 30 -30.75 -2.24 -11.35
C ARG B 30 -30.88 -2.36 -9.83
N GLY B 31 -31.96 -2.98 -9.37
CA GLY B 31 -32.11 -3.31 -7.96
C GLY B 31 -31.17 -4.44 -7.57
N LEU B 32 -31.01 -5.40 -8.49
CA LEU B 32 -30.20 -6.59 -8.24
C LEU B 32 -28.97 -6.60 -9.16
N VAL B 33 -27.79 -6.54 -8.55
CA VAL B 33 -26.53 -6.46 -9.28
C VAL B 33 -25.67 -7.72 -9.11
N ARG B 34 -25.24 -8.29 -10.23
CA ARG B 34 -24.40 -9.49 -10.24
C ARG B 34 -23.04 -9.24 -10.89
N GLN B 35 -22.36 -8.20 -10.40
CA GLN B 35 -21.06 -7.76 -10.93
C GLN B 35 -20.02 -8.88 -11.04
N GLU B 36 -20.05 -9.81 -10.08
CA GLU B 36 -19.14 -10.95 -10.03
C GLU B 36 -19.22 -11.81 -11.30
N GLU B 37 -20.43 -11.89 -11.88
CA GLU B 37 -20.68 -12.74 -13.03
C GLU B 37 -20.11 -12.16 -14.34
N ALA B 38 -19.68 -10.91 -14.29
CA ALA B 38 -19.07 -10.24 -15.44
C ALA B 38 -17.56 -10.44 -15.48
N GLU B 39 -17.01 -10.99 -14.39
CA GLU B 39 -15.57 -11.22 -14.27
C GLU B 39 -15.04 -12.23 -15.29
N ASP B 40 -13.97 -11.84 -15.97
CA ASP B 40 -13.28 -12.75 -16.90
C ASP B 40 -11.78 -12.63 -16.66
N PRO B 41 -11.22 -13.53 -15.82
CA PRO B 41 -9.80 -13.49 -15.46
C PRO B 41 -8.87 -13.76 -16.64
N ALA B 42 -9.40 -14.31 -17.72
CA ALA B 42 -8.64 -14.54 -18.96
C ALA B 42 -8.32 -13.23 -19.67
N CYS B 43 -9.10 -12.18 -19.38
CA CYS B 43 -8.96 -10.88 -20.01
C CYS B 43 -7.97 -9.95 -19.27
N ILE B 44 -7.31 -10.46 -18.23
CA ILE B 44 -6.30 -9.69 -17.48
C ILE B 44 -5.26 -9.13 -18.45
N PRO B 45 -4.96 -7.82 -18.35
CA PRO B 45 -4.06 -7.16 -19.31
C PRO B 45 -2.62 -7.67 -19.25
N ILE B 46 -1.90 -7.53 -20.37
CA ILE B 46 -0.48 -7.89 -20.42
C ILE B 46 0.35 -6.73 -19.85
N PHE B 47 -0.13 -5.50 -20.06
CA PHE B 47 0.61 -4.31 -19.69
C PHE B 47 -0.25 -3.22 -19.06
N TRP B 48 0.36 -2.47 -18.15
CA TRP B 48 -0.20 -1.23 -17.64
C TRP B 48 0.92 -0.34 -17.13
N VAL B 49 0.60 0.91 -16.87
CA VAL B 49 1.54 1.88 -16.32
C VAL B 49 1.53 1.76 -14.81
N SER B 50 2.68 1.41 -14.24
CA SER B 50 2.80 1.19 -12.80
C SER B 50 3.35 2.40 -12.07
N LYS B 51 4.07 3.25 -12.79
CA LYS B 51 4.62 4.50 -12.26
C LYS B 51 4.67 5.55 -13.37
N TRP B 52 4.56 6.83 -13.01
CA TRP B 52 4.77 7.94 -13.95
C TRP B 52 5.14 9.23 -13.22
N VAL B 53 5.90 10.10 -13.91
CA VAL B 53 6.24 11.43 -13.41
C VAL B 53 6.09 12.45 -14.53
N ASP B 54 5.33 13.51 -14.26
CA ASP B 54 5.13 14.58 -15.22
C ASP B 54 6.14 15.70 -14.99
N TYR B 55 7.19 15.70 -15.80
CA TYR B 55 8.18 16.77 -15.81
C TYR B 55 8.11 17.47 -17.17
N SER B 56 6.91 17.52 -17.75
CA SER B 56 6.70 18.09 -19.08
C SER B 56 6.97 19.59 -19.16
N ASP B 57 7.13 20.23 -18.00
CA ASP B 57 7.55 21.62 -17.93
C ASP B 57 8.93 21.79 -18.58
N LYS B 58 9.83 20.85 -18.31
CA LYS B 58 11.21 20.91 -18.80
C LYS B 58 11.55 19.84 -19.84
N TYR B 59 11.22 18.58 -19.55
CA TYR B 59 11.73 17.46 -20.35
C TYR B 59 10.65 16.62 -21.01
N GLY B 60 9.67 16.18 -20.23
CA GLY B 60 8.58 15.33 -20.73
C GLY B 60 8.02 14.44 -19.63
N LEU B 61 7.28 13.42 -20.03
CA LEU B 61 6.71 12.48 -19.08
C LEU B 61 7.45 11.14 -19.06
N GLY B 62 7.95 10.77 -17.89
CA GLY B 62 8.58 9.47 -17.68
C GLY B 62 7.60 8.49 -17.08
N TYR B 63 7.68 7.23 -17.52
CA TYR B 63 6.78 6.19 -17.03
C TYR B 63 7.46 4.84 -16.93
N GLN B 64 6.94 3.98 -16.06
CA GLN B 64 7.37 2.61 -15.96
C GLN B 64 6.17 1.72 -16.28
N LEU B 65 6.41 0.68 -17.07
CA LEU B 65 5.37 -0.33 -17.32
C LEU B 65 5.48 -1.41 -16.26
N CYS B 66 4.48 -2.26 -16.15
CA CYS B 66 4.43 -3.28 -15.11
C CYS B 66 5.55 -4.32 -15.24
N ASP B 67 6.15 -4.44 -16.44
CA ASP B 67 7.22 -5.40 -16.67
C ASP B 67 8.60 -4.86 -16.26
N ASN B 68 8.62 -3.65 -15.70
CA ASN B 68 9.84 -2.95 -15.26
C ASN B 68 10.58 -2.15 -16.34
N SER B 69 10.07 -2.18 -17.58
CA SER B 69 10.62 -1.33 -18.63
C SER B 69 10.27 0.14 -18.34
N VAL B 70 11.09 1.07 -18.83
CA VAL B 70 10.83 2.49 -18.64
C VAL B 70 10.88 3.23 -19.98
N GLY B 71 10.06 4.26 -20.09
CA GLY B 71 10.01 5.09 -21.29
C GLY B 71 9.90 6.54 -20.95
N VAL B 72 10.26 7.41 -21.89
CA VAL B 72 10.06 8.85 -21.75
C VAL B 72 9.43 9.41 -23.01
N LEU B 73 8.36 10.18 -22.85
CA LEU B 73 7.82 10.96 -23.96
C LEU B 73 8.34 12.39 -23.83
N PHE B 74 9.40 12.69 -24.56
CA PHE B 74 10.03 14.00 -24.50
C PHE B 74 9.14 15.09 -25.10
N ASN B 75 9.38 16.34 -24.68
CA ASN B 75 8.62 17.50 -25.17
C ASN B 75 8.73 17.72 -26.68
N ASP B 76 9.76 17.17 -27.30
CA ASP B 76 9.97 17.31 -28.74
C ASP B 76 9.29 16.21 -29.56
N SER B 77 8.35 15.51 -28.93
CA SER B 77 7.56 14.44 -29.58
C SER B 77 8.33 13.14 -29.86
N THR B 78 9.55 13.03 -29.33
CA THR B 78 10.31 11.78 -29.47
C THR B 78 10.09 10.89 -28.25
N ARG B 79 10.31 9.59 -28.44
CA ARG B 79 10.16 8.62 -27.38
C ARG B 79 11.40 7.75 -27.25
N LEU B 80 11.85 7.54 -26.02
CA LEU B 80 12.93 6.62 -25.75
C LEU B 80 12.47 5.63 -24.70
N ILE B 81 12.59 4.34 -25.02
CA ILE B 81 12.19 3.31 -24.08
C ILE B 81 13.35 2.35 -23.77
N LEU B 82 13.56 2.11 -22.47
CA LEU B 82 14.56 1.16 -22.00
C LEU B 82 13.85 -0.13 -21.58
N TYR B 83 14.28 -1.25 -22.15
CA TYR B 83 13.68 -2.55 -21.86
C TYR B 83 14.07 -3.04 -20.46
N ASN B 84 13.28 -3.97 -19.93
CA ASN B 84 13.54 -4.49 -18.57
C ASN B 84 14.89 -5.21 -18.41
N ASP B 85 15.58 -5.47 -19.52
CA ASP B 85 16.95 -6.00 -19.45
C ASP B 85 17.97 -4.91 -19.08
N GLY B 86 17.49 -3.67 -18.99
CA GLY B 86 18.31 -2.54 -18.54
C GLY B 86 19.36 -2.07 -19.53
N ASP B 87 19.23 -2.52 -20.78
CA ASP B 87 20.25 -2.25 -21.79
C ASP B 87 19.65 -1.89 -23.15
N SER B 88 18.62 -2.64 -23.56
CA SER B 88 18.01 -2.46 -24.88
C SER B 88 17.19 -1.18 -24.97
N LEU B 89 17.50 -0.37 -25.98
CA LEU B 89 16.80 0.88 -26.21
C LEU B 89 16.02 0.87 -27.52
N GLN B 90 14.81 1.41 -27.49
CA GLN B 90 14.03 1.67 -28.69
C GLN B 90 13.78 3.18 -28.75
N TYR B 91 14.16 3.77 -29.87
CA TYR B 91 13.99 5.20 -30.06
C TYR B 91 13.00 5.48 -31.17
N ILE B 92 11.99 6.29 -30.89
CA ILE B 92 10.99 6.66 -31.89
C ILE B 92 11.04 8.15 -32.18
N GLU B 93 11.40 8.47 -33.43
CA GLU B 93 11.52 9.85 -33.88
C GLU B 93 10.14 10.47 -34.17
N ARG B 94 10.10 11.78 -34.41
CA ARG B 94 8.85 12.53 -34.58
C ARG B 94 7.94 12.00 -35.70
N ASP B 95 8.56 11.46 -36.75
CA ASP B 95 7.80 10.89 -37.86
C ASP B 95 7.42 9.43 -37.65
N GLY B 96 7.75 8.89 -36.48
CA GLY B 96 7.46 7.50 -36.14
C GLY B 96 8.51 6.54 -36.64
N THR B 97 9.71 7.06 -36.93
CA THR B 97 10.86 6.26 -37.36
C THR B 97 11.50 5.60 -36.14
N GLU B 98 11.68 4.28 -36.22
CA GLU B 98 12.23 3.51 -35.11
C GLU B 98 13.67 3.06 -35.33
N SER B 99 14.46 3.11 -34.27
CA SER B 99 15.81 2.54 -34.27
C SER B 99 16.07 1.81 -32.96
N TYR B 100 17.05 0.91 -32.97
CA TYR B 100 17.35 0.09 -31.80
C TYR B 100 18.83 0.14 -31.47
N LEU B 101 19.12 0.50 -30.22
CA LEU B 101 20.50 0.63 -29.74
C LEU B 101 20.61 0.11 -28.31
N THR B 102 21.80 0.19 -27.73
CA THR B 102 22.03 -0.27 -26.36
C THR B 102 22.72 0.80 -25.51
N VAL B 103 22.42 0.79 -24.21
CA VAL B 103 23.08 1.67 -23.23
C VAL B 103 24.60 1.45 -23.24
N SER B 104 25.01 0.21 -23.04
CA SER B 104 26.43 -0.16 -22.90
C SER B 104 27.27 0.25 -24.10
N SER B 105 26.69 0.16 -25.30
CA SER B 105 27.29 0.73 -26.49
C SER B 105 26.79 2.16 -26.64
N HIS B 106 27.38 3.08 -25.86
CA HIS B 106 26.86 4.44 -25.74
C HIS B 106 26.91 5.24 -27.05
N PRO B 107 25.74 5.39 -27.71
CA PRO B 107 25.67 6.08 -28.99
C PRO B 107 25.79 7.58 -28.80
N ASN B 108 26.61 8.21 -29.64
CA ASN B 108 26.88 9.64 -29.54
C ASN B 108 25.64 10.50 -29.73
N SER B 109 24.75 10.05 -30.62
CA SER B 109 23.55 10.80 -30.99
C SER B 109 22.55 10.95 -29.85
N LEU B 110 22.61 10.07 -28.87
CA LEU B 110 21.56 10.01 -27.85
C LEU B 110 22.03 10.02 -26.39
N MET B 111 23.28 10.43 -26.16
CA MET B 111 23.80 10.51 -24.78
C MET B 111 22.85 11.25 -23.82
N LYS B 112 22.45 12.47 -24.19
CA LYS B 112 21.62 13.33 -23.33
C LYS B 112 20.25 12.74 -22.99
N LYS B 113 19.60 12.15 -23.99
CA LYS B 113 18.27 11.57 -23.79
C LYS B 113 18.33 10.28 -22.95
N ILE B 114 19.39 9.49 -23.16
CA ILE B 114 19.65 8.30 -22.35
C ILE B 114 19.87 8.72 -20.88
N THR B 115 20.72 9.72 -20.66
CA THR B 115 21.00 10.25 -19.32
C THR B 115 19.70 10.71 -18.64
N LEU B 116 18.89 11.47 -19.37
CA LEU B 116 17.59 11.91 -18.86
C LEU B 116 16.70 10.73 -18.48
N LEU B 117 16.63 9.72 -19.34
CA LEU B 117 15.87 8.50 -19.06
C LEU B 117 16.37 7.83 -17.77
N LYS B 118 17.69 7.75 -17.60
CA LYS B 118 18.28 7.23 -16.37
C LYS B 118 17.82 8.02 -15.15
N TYR B 119 17.80 9.34 -15.26
CA TYR B 119 17.32 10.20 -14.17
C TYR B 119 15.84 9.93 -13.85
N PHE B 120 15.04 9.76 -14.91
CA PHE B 120 13.63 9.38 -14.75
C PHE B 120 13.49 8.02 -14.07
N ARG B 121 14.23 7.03 -14.57
CA ARG B 121 14.24 5.66 -14.02
C ARG B 121 14.63 5.66 -12.55
N ASN B 122 15.73 6.35 -12.23
CA ASN B 122 16.21 6.43 -10.85
C ASN B 122 15.18 7.12 -9.93
N TYR B 123 14.58 8.19 -10.41
CA TYR B 123 13.55 8.92 -9.65
C TYR B 123 12.37 8.03 -9.28
N MET B 124 11.76 7.40 -10.28
CA MET B 124 10.58 6.56 -10.06
C MET B 124 10.88 5.41 -9.10
N SER B 125 12.06 4.81 -9.26
CA SER B 125 12.54 3.74 -8.39
C SER B 125 12.67 4.16 -6.92
N GLU B 126 13.17 5.38 -6.71
CA GLU B 126 13.48 5.85 -5.36
C GLU B 126 12.28 6.50 -4.65
N HIS B 127 11.29 6.95 -5.43
CA HIS B 127 10.22 7.79 -4.87
C HIS B 127 8.82 7.19 -4.96
N LEU B 128 8.56 6.40 -6.00
CA LEU B 128 7.19 6.01 -6.35
C LEU B 128 6.85 4.54 -6.11
N LEU B 129 5.58 4.31 -5.81
CA LEU B 129 5.01 2.98 -5.62
C LEU B 129 4.74 2.31 -6.96
N LYS B 130 4.81 0.98 -7.00
CA LYS B 130 4.50 0.22 -8.21
C LYS B 130 3.05 -0.23 -8.21
N ALA B 131 2.24 0.38 -9.08
CA ALA B 131 0.82 0.03 -9.21
C ALA B 131 0.61 -1.38 -9.76
N GLY B 132 -0.40 -2.08 -9.20
CA GLY B 132 -0.75 -3.44 -9.59
C GLY B 132 0.32 -4.49 -9.34
N ALA B 133 1.17 -4.26 -8.35
CA ALA B 133 2.30 -5.14 -8.05
C ALA B 133 1.83 -6.50 -7.52
N ASN B 134 0.59 -6.53 -7.03
CA ASN B 134 -0.05 -7.76 -6.59
C ASN B 134 -0.67 -8.55 -7.75
N ILE B 135 -0.53 -8.03 -8.97
CA ILE B 135 -1.11 -8.65 -10.16
C ILE B 135 -0.06 -9.31 -11.05
N THR B 136 -0.28 -10.58 -11.38
CA THR B 136 0.48 -11.25 -12.42
C THR B 136 -0.24 -11.01 -13.75
N PRO B 137 0.47 -10.41 -14.73
CA PRO B 137 -0.16 -10.15 -16.02
C PRO B 137 -0.19 -11.40 -16.89
N ARG B 138 -1.20 -11.50 -17.75
CA ARG B 138 -1.24 -12.51 -18.80
C ARG B 138 -0.04 -12.26 -19.71
N GLU B 139 0.74 -13.29 -20.01
CA GLU B 139 1.86 -13.11 -20.93
C GLU B 139 1.37 -13.06 -22.36
N GLY B 140 2.00 -12.20 -23.16
CA GLY B 140 1.66 -12.08 -24.57
C GLY B 140 2.53 -13.01 -25.41
N ASP B 141 2.69 -12.67 -26.68
CA ASP B 141 3.57 -13.43 -27.55
C ASP B 141 5.02 -13.01 -27.30
N GLU B 142 5.94 -13.94 -27.49
CA GLU B 142 7.37 -13.68 -27.34
C GLU B 142 7.82 -12.52 -28.21
N LEU B 143 7.47 -12.60 -29.49
CA LEU B 143 7.98 -11.69 -30.50
C LEU B 143 7.06 -10.49 -30.68
N ALA B 144 6.02 -10.43 -29.86
CA ALA B 144 5.15 -9.26 -29.78
C ALA B 144 5.97 -8.07 -29.27
N ARG B 145 5.67 -6.90 -29.81
CA ARG B 145 6.46 -5.71 -29.51
C ARG B 145 6.05 -5.12 -28.17
N LEU B 146 6.97 -4.37 -27.57
CA LEU B 146 6.69 -3.70 -26.31
C LEU B 146 5.85 -2.46 -26.61
N PRO B 147 4.73 -2.29 -25.89
CA PRO B 147 3.93 -1.10 -26.10
C PRO B 147 4.60 0.14 -25.54
N TYR B 148 4.25 1.30 -26.08
CA TYR B 148 4.74 2.57 -25.58
C TYR B 148 3.58 3.55 -25.37
N LEU B 149 3.85 4.64 -24.65
CA LEU B 149 2.87 5.69 -24.45
C LEU B 149 2.68 6.51 -25.73
N ARG B 150 1.50 6.38 -26.33
CA ARG B 150 1.15 7.12 -27.53
C ARG B 150 0.91 8.58 -27.22
N THR B 151 0.01 8.82 -26.27
CA THR B 151 -0.18 10.16 -25.73
C THR B 151 -0.82 10.13 -24.36
N TRP B 152 -0.84 11.27 -23.71
CA TRP B 152 -1.36 11.38 -22.36
C TRP B 152 -1.92 12.77 -22.16
N PHE B 153 -2.76 12.91 -21.13
CA PHE B 153 -3.15 14.23 -20.63
C PHE B 153 -3.65 14.13 -19.21
N ARG B 154 -3.74 15.27 -18.56
CA ARG B 154 -4.25 15.36 -17.19
C ARG B 154 -5.50 16.21 -17.11
N THR B 155 -6.40 15.81 -16.22
CA THR B 155 -7.48 16.65 -15.73
C THR B 155 -7.15 16.97 -14.28
N ARG B 156 -8.02 17.72 -13.60
CA ARG B 156 -7.83 17.93 -12.16
C ARG B 156 -8.08 16.64 -11.36
N SER B 157 -8.81 15.70 -11.97
CA SER B 157 -9.24 14.48 -11.29
C SER B 157 -8.46 13.21 -11.68
N ALA B 158 -7.89 13.19 -12.87
CA ALA B 158 -7.25 11.98 -13.40
C ALA B 158 -6.14 12.23 -14.42
N ILE B 159 -5.23 11.26 -14.52
CA ILE B 159 -4.33 11.17 -15.67
C ILE B 159 -4.88 10.10 -16.61
N ILE B 160 -4.79 10.38 -17.90
CA ILE B 160 -5.26 9.45 -18.93
C ILE B 160 -4.05 9.04 -19.76
N LEU B 161 -3.84 7.73 -19.88
CA LEU B 161 -2.63 7.18 -20.48
C LEU B 161 -2.99 6.23 -21.61
N HIS B 162 -2.66 6.62 -22.83
CA HIS B 162 -3.03 5.86 -24.03
C HIS B 162 -1.83 5.08 -24.58
N LEU B 163 -1.88 3.75 -24.48
CA LEU B 163 -0.78 2.90 -24.92
C LEU B 163 -0.89 2.48 -26.39
N SER B 164 0.25 2.18 -27.00
CA SER B 164 0.31 1.83 -28.42
C SER B 164 -0.33 0.49 -28.78
N ASN B 165 -0.62 -0.31 -27.76
CA ASN B 165 -1.36 -1.56 -27.96
C ASN B 165 -2.89 -1.37 -27.92
N GLY B 166 -3.32 -0.11 -27.79
CA GLY B 166 -4.74 0.21 -27.79
C GLY B 166 -5.34 0.42 -26.41
N SER B 167 -4.62 -0.01 -25.37
CA SER B 167 -5.09 0.15 -24.00
C SER B 167 -5.16 1.61 -23.56
N VAL B 168 -6.17 1.95 -22.78
CA VAL B 168 -6.29 3.28 -22.18
C VAL B 168 -6.38 3.11 -20.68
N GLN B 169 -5.44 3.74 -19.98
CA GLN B 169 -5.41 3.68 -18.53
C GLN B 169 -5.87 5.01 -17.95
N ILE B 170 -6.69 4.95 -16.92
CA ILE B 170 -7.14 6.13 -16.21
C ILE B 170 -6.89 5.93 -14.72
N ASN B 171 -6.02 6.77 -14.15
CA ASN B 171 -5.76 6.78 -12.72
C ASN B 171 -6.45 7.99 -12.10
N PHE B 172 -7.33 7.76 -11.12
CA PHE B 172 -7.99 8.85 -10.39
C PHE B 172 -7.13 9.31 -9.21
N PHE B 173 -6.88 10.62 -9.13
CA PHE B 173 -5.91 11.18 -8.18
C PHE B 173 -6.29 11.05 -6.72
N GLN B 174 -7.53 11.43 -6.38
CA GLN B 174 -7.95 11.52 -4.98
C GLN B 174 -8.06 10.16 -4.29
N ASP B 175 -8.80 9.23 -4.88
CA ASP B 175 -9.08 7.96 -4.23
C ASP B 175 -8.19 6.79 -4.68
N HIS B 176 -7.31 7.06 -5.65
CA HIS B 176 -6.33 6.09 -6.16
C HIS B 176 -6.94 4.93 -6.94
N THR B 177 -8.20 5.07 -7.34
CA THR B 177 -8.86 4.07 -8.19
C THR B 177 -8.32 4.14 -9.61
N LYS B 178 -8.25 3.00 -10.29
CA LYS B 178 -7.68 2.95 -11.64
C LYS B 178 -8.48 2.05 -12.59
N LEU B 179 -8.60 2.48 -13.84
CA LEU B 179 -9.18 1.66 -14.89
C LEU B 179 -8.13 1.36 -15.95
N ILE B 180 -8.11 0.12 -16.41
CA ILE B 180 -7.31 -0.29 -17.57
C ILE B 180 -8.25 -0.90 -18.60
N LEU B 181 -8.47 -0.16 -19.68
CA LEU B 181 -9.40 -0.58 -20.72
C LEU B 181 -8.65 -1.15 -21.92
N CYS B 182 -9.07 -2.33 -22.38
CA CYS B 182 -8.54 -2.91 -23.60
C CYS B 182 -9.64 -3.12 -24.64
N PRO B 183 -9.58 -2.40 -25.76
CA PRO B 183 -10.61 -2.51 -26.80
C PRO B 183 -10.55 -3.85 -27.55
N LEU B 184 -9.38 -4.51 -27.51
CA LEU B 184 -9.19 -5.78 -28.19
C LEU B 184 -9.87 -6.93 -27.46
N MET B 185 -9.89 -6.85 -26.13
CA MET B 185 -10.53 -7.85 -25.29
C MET B 185 -11.94 -7.40 -24.92
N ALA B 186 -12.26 -6.15 -25.27
CA ALA B 186 -13.50 -5.48 -24.85
C ALA B 186 -13.68 -5.65 -23.34
N ALA B 187 -12.65 -5.26 -22.60
CA ALA B 187 -12.56 -5.54 -21.16
C ALA B 187 -12.06 -4.36 -20.37
N VAL B 188 -12.46 -4.31 -19.10
CA VAL B 188 -11.94 -3.34 -18.16
C VAL B 188 -11.39 -4.04 -16.93
N THR B 189 -10.22 -3.57 -16.47
CA THR B 189 -9.71 -3.95 -15.16
C THR B 189 -9.90 -2.77 -14.22
N TYR B 190 -10.52 -3.05 -13.08
CA TYR B 190 -10.78 -2.02 -12.09
C TYR B 190 -9.98 -2.27 -10.82
N ILE B 191 -9.17 -1.29 -10.43
CA ILE B 191 -8.44 -1.35 -9.16
C ILE B 191 -9.10 -0.38 -8.17
N ASP B 192 -9.64 -0.91 -7.08
CA ASP B 192 -10.41 -0.09 -6.14
C ASP B 192 -9.52 0.57 -5.08
N GLU B 193 -10.15 1.26 -4.13
CA GLU B 193 -9.44 1.97 -3.06
C GLU B 193 -8.63 1.00 -2.19
N LYS B 194 -9.09 -0.24 -2.12
CA LYS B 194 -8.47 -1.29 -1.32
C LYS B 194 -7.30 -1.95 -2.05
N ARG B 195 -7.06 -1.51 -3.29
CA ARG B 195 -6.06 -2.08 -4.20
C ARG B 195 -6.42 -3.49 -4.69
N ASP B 196 -7.65 -3.92 -4.45
CA ASP B 196 -8.18 -5.13 -5.06
C ASP B 196 -8.40 -4.88 -6.54
N PHE B 197 -8.10 -5.88 -7.35
CA PHE B 197 -8.24 -5.76 -8.80
C PHE B 197 -9.17 -6.82 -9.36
N ARG B 198 -9.99 -6.42 -10.31
CA ARG B 198 -10.88 -7.35 -11.01
C ARG B 198 -10.98 -6.99 -12.48
N THR B 199 -11.01 -8.02 -13.33
CA THR B 199 -11.13 -7.82 -14.77
C THR B 199 -12.52 -8.25 -15.22
N TYR B 200 -13.22 -7.34 -15.87
CA TYR B 200 -14.58 -7.58 -16.36
C TYR B 200 -14.65 -7.47 -17.87
N ARG B 201 -15.45 -8.34 -18.49
CA ARG B 201 -15.81 -8.19 -19.88
C ARG B 201 -16.94 -7.18 -19.93
N LEU B 202 -16.78 -6.15 -20.77
CA LEU B 202 -17.72 -5.02 -20.81
C LEU B 202 -19.15 -5.40 -21.18
N SER B 203 -19.30 -6.30 -22.16
CA SER B 203 -20.63 -6.74 -22.59
C SER B 203 -21.37 -7.49 -21.48
N LEU B 204 -20.62 -8.13 -20.58
CA LEU B 204 -21.20 -8.86 -19.45
C LEU B 204 -21.63 -7.94 -18.31
N LEU B 205 -21.00 -6.77 -18.20
CA LEU B 205 -21.45 -5.73 -17.27
C LEU B 205 -22.83 -5.19 -17.68
N GLU B 206 -23.06 -5.09 -18.99
CA GLU B 206 -24.38 -4.76 -19.52
C GLU B 206 -25.43 -5.75 -19.05
N GLU B 207 -25.08 -7.03 -19.13
CA GLU B 207 -26.02 -8.11 -18.84
C GLU B 207 -26.32 -8.28 -17.35
N TYR B 208 -25.27 -8.29 -16.52
CA TYR B 208 -25.43 -8.60 -15.11
C TYR B 208 -25.51 -7.37 -14.19
N GLY B 209 -25.05 -6.23 -14.70
CA GLY B 209 -25.01 -4.99 -13.93
C GLY B 209 -23.71 -4.84 -13.17
N CYS B 210 -23.53 -3.69 -12.53
CA CYS B 210 -22.37 -3.43 -11.68
C CYS B 210 -22.74 -2.40 -10.62
N CYS B 211 -21.85 -2.18 -9.66
CA CYS B 211 -22.05 -1.18 -8.61
C CYS B 211 -21.99 0.24 -9.18
N LYS B 212 -22.53 1.21 -8.43
CA LYS B 212 -22.57 2.60 -8.86
C LYS B 212 -21.18 3.20 -9.08
N GLU B 213 -20.21 2.75 -8.30
CA GLU B 213 -18.85 3.29 -8.37
C GLU B 213 -18.08 2.90 -9.63
N LEU B 214 -18.20 1.64 -10.07
CA LEU B 214 -17.63 1.25 -11.36
C LEU B 214 -18.36 1.93 -12.52
N ALA B 215 -19.69 1.97 -12.45
CA ALA B 215 -20.52 2.58 -13.49
C ALA B 215 -20.19 4.06 -13.74
N SER B 216 -19.97 4.83 -12.67
CA SER B 216 -19.63 6.25 -12.83
C SER B 216 -18.25 6.44 -13.42
N ARG B 217 -17.33 5.55 -13.05
CA ARG B 217 -15.97 5.57 -13.61
C ARG B 217 -15.94 5.21 -15.09
N LEU B 218 -16.84 4.32 -15.51
CA LEU B 218 -16.95 3.97 -16.91
C LEU B 218 -17.59 5.09 -17.72
N ARG B 219 -18.42 5.90 -17.06
CA ARG B 219 -18.98 7.10 -17.67
C ARG B 219 -17.89 8.14 -17.89
N TYR B 220 -17.10 8.41 -16.85
CA TYR B 220 -15.96 9.32 -16.95
C TYR B 220 -14.99 8.87 -18.03
N ALA B 221 -14.77 7.56 -18.11
CA ALA B 221 -13.88 6.96 -19.10
C ALA B 221 -14.30 7.30 -20.53
N ARG B 222 -15.61 7.19 -20.79
CA ARG B 222 -16.17 7.52 -22.09
C ARG B 222 -15.93 9.00 -22.42
N THR B 223 -16.12 9.87 -21.44
CA THR B 223 -15.84 11.29 -21.59
C THR B 223 -14.37 11.54 -21.93
N MET B 224 -13.48 10.79 -21.28
CA MET B 224 -12.05 10.90 -21.53
C MET B 224 -11.61 10.36 -22.88
N VAL B 225 -12.19 9.24 -23.29
CA VAL B 225 -11.84 8.62 -24.57
C VAL B 225 -12.33 9.51 -25.73
N ASP B 226 -13.52 10.08 -25.58
CA ASP B 226 -14.06 11.07 -26.52
C ASP B 226 -13.13 12.28 -26.65
N LYS B 227 -12.63 12.77 -25.51
CA LYS B 227 -11.72 13.90 -25.46
C LYS B 227 -10.39 13.54 -26.11
N LEU B 228 -9.95 12.30 -25.90
CA LEU B 228 -8.73 11.80 -26.49
C LEU B 228 -8.82 11.80 -28.02
N LEU B 229 -9.86 11.15 -28.55
CA LEU B 229 -10.10 11.07 -29.99
C LEU B 229 -10.20 12.42 -30.69
N SER B 230 -10.86 13.38 -30.04
CA SER B 230 -11.12 14.69 -30.64
CA SER B 230 -11.13 14.70 -30.62
C SER B 230 -9.92 15.63 -30.61
N SER B 231 -8.88 15.27 -29.86
CA SER B 231 -7.69 16.10 -29.73
C SER B 231 -6.49 15.60 -30.54
N CYS C 10 10.83 -15.27 -9.55
CA CYS C 10 9.34 -15.32 -9.44
C CYS C 10 8.91 -15.53 -7.99
N HIS C 11 9.90 -15.47 -7.09
CA HIS C 11 9.71 -15.93 -5.71
CA HIS C 11 9.77 -15.88 -5.68
C HIS C 11 8.76 -15.10 -4.84
N LEU C 12 8.76 -13.78 -4.96
CA LEU C 12 7.86 -12.94 -4.17
C LEU C 12 6.41 -13.12 -4.60
N SER C 13 6.21 -13.13 -5.91
CA SER C 13 4.88 -13.32 -6.51
CA SER C 13 4.88 -13.31 -6.48
C SER C 13 4.28 -14.65 -6.07
N ASP C 14 5.12 -15.68 -6.02
CA ASP C 14 4.72 -17.01 -5.57
C ASP C 14 4.34 -17.00 -4.09
N MET C 15 5.19 -16.36 -3.26
CA MET C 15 4.94 -16.26 -1.83
CA MET C 15 4.95 -16.24 -1.83
C MET C 15 3.61 -15.55 -1.55
N LEU C 16 3.36 -14.45 -2.26
CA LEU C 16 2.11 -13.69 -2.12
C LEU C 16 0.91 -14.58 -2.41
N GLN C 17 0.99 -15.36 -3.50
CA GLN C 17 -0.08 -16.26 -3.92
C GLN C 17 -0.32 -17.37 -2.89
N GLN C 18 0.76 -17.91 -2.35
CA GLN C 18 0.70 -18.91 -1.28
C GLN C 18 0.05 -18.33 -0.01
N LEU C 19 0.31 -17.05 0.25
CA LEU C 19 -0.23 -16.35 1.41
C LEU C 19 -1.69 -15.96 1.20
N HIS C 20 -2.03 -15.55 -0.02
CA HIS C 20 -3.42 -15.29 -0.38
C HIS C 20 -4.28 -16.55 -0.19
N SER C 21 -3.75 -17.69 -0.62
CA SER C 21 -4.45 -18.97 -0.53
CA SER C 21 -4.47 -18.95 -0.53
C SER C 21 -4.65 -19.44 0.91
N VAL C 22 -3.61 -19.29 1.73
CA VAL C 22 -3.72 -19.71 3.13
C VAL C 22 -4.70 -18.79 3.90
N ASN C 23 -4.58 -17.48 3.70
CA ASN C 23 -5.45 -16.51 4.39
C ASN C 23 -6.90 -16.58 3.93
N ALA C 24 -7.12 -16.95 2.67
CA ALA C 24 -8.46 -17.16 2.13
C ALA C 24 -9.16 -18.34 2.80
N SER C 25 -8.38 -19.34 3.23
CA SER C 25 -8.91 -20.51 3.92
C SER C 25 -9.38 -20.20 5.35
N LYS C 26 -9.12 -18.97 5.80
CA LYS C 26 -9.48 -18.51 7.14
C LYS C 26 -9.20 -19.58 8.20
N PRO C 27 -7.91 -19.92 8.40
CA PRO C 27 -7.55 -21.07 9.24
C PRO C 27 -7.89 -20.94 10.73
N SER C 28 -8.11 -19.72 11.22
CA SER C 28 -8.47 -19.52 12.63
C SER C 28 -9.97 -19.33 12.86
N GLU C 29 -10.75 -19.40 11.77
CA GLU C 29 -12.20 -19.34 11.86
C GLU C 29 -12.80 -20.74 11.67
N ARG C 30 -11.92 -21.74 11.63
CA ARG C 30 -12.28 -23.13 11.37
C ARG C 30 -13.06 -23.77 12.52
N GLY C 31 -12.77 -23.33 13.73
CA GLY C 31 -13.37 -23.91 14.93
C GLY C 31 -12.38 -24.84 15.60
N LEU C 32 -12.61 -26.14 15.45
CA LEU C 32 -11.68 -27.13 15.97
C LEU C 32 -10.45 -27.17 15.07
N VAL C 33 -9.30 -26.86 15.67
CA VAL C 33 -8.05 -26.71 14.92
C VAL C 33 -7.00 -27.76 15.29
N ARG C 34 -6.33 -28.29 14.26
CA ARG C 34 -5.26 -29.29 14.43
C ARG C 34 -3.94 -28.80 13.82
N GLN C 35 -3.43 -27.71 14.39
CA GLN C 35 -2.22 -27.03 13.91
C GLN C 35 -1.00 -27.95 13.81
N GLU C 36 -0.83 -28.83 14.81
CA GLU C 36 0.31 -29.74 14.90
C GLU C 36 0.41 -30.72 13.72
N GLU C 37 -0.73 -31.00 13.08
CA GLU C 37 -0.79 -31.88 11.92
C GLU C 37 -0.20 -31.23 10.65
N ALA C 38 -0.07 -29.90 10.68
CA ALA C 38 0.50 -29.16 9.57
C ALA C 38 2.03 -29.05 9.65
N GLU C 39 2.59 -29.49 10.78
CA GLU C 39 4.05 -29.52 10.96
C GLU C 39 4.69 -30.49 9.98
N ASP C 40 5.76 -30.02 9.34
CA ASP C 40 6.51 -30.82 8.39
C ASP C 40 7.99 -30.53 8.61
N PRO C 41 8.70 -31.47 9.26
CA PRO C 41 10.11 -31.27 9.61
C PRO C 41 11.03 -31.23 8.40
N ALA C 42 10.58 -31.78 7.27
CA ALA C 42 11.33 -31.74 6.02
C ALA C 42 11.30 -30.37 5.34
N CYS C 43 10.51 -29.45 5.89
CA CYS C 43 10.40 -28.10 5.34
C CYS C 43 11.20 -27.07 6.14
N ILE C 44 11.82 -27.53 7.22
CA ILE C 44 12.71 -26.70 8.04
C ILE C 44 13.69 -25.91 7.14
N PRO C 45 13.82 -24.59 7.38
CA PRO C 45 14.63 -23.76 6.49
C PRO C 45 16.12 -24.08 6.55
N ILE C 46 16.81 -23.85 5.43
CA ILE C 46 18.27 -23.98 5.35
C ILE C 46 18.95 -22.79 6.03
N PHE C 47 18.44 -21.59 5.75
CA PHE C 47 18.96 -20.37 6.35
C PHE C 47 17.86 -19.54 6.98
N TRP C 48 18.23 -18.83 8.03
CA TRP C 48 17.42 -17.74 8.55
C TRP C 48 18.35 -16.74 9.25
N VAL C 49 17.84 -15.53 9.46
CA VAL C 49 18.57 -14.47 10.15
C VAL C 49 18.46 -14.70 11.65
N SER C 50 19.60 -14.96 12.29
CA SER C 50 19.63 -15.29 13.71
C SER C 50 19.92 -14.09 14.61
N LYS C 51 20.44 -13.03 13.99
CA LYS C 51 20.72 -11.75 14.65
C LYS C 51 20.67 -10.63 13.61
N TRP C 52 20.37 -9.41 14.06
CA TRP C 52 20.38 -8.24 13.18
C TRP C 52 20.59 -6.96 13.98
N VAL C 53 21.25 -5.97 13.37
CA VAL C 53 21.42 -4.65 13.97
CA VAL C 53 21.40 -4.64 13.96
C VAL C 53 21.20 -3.53 12.95
N ASP C 54 20.32 -2.59 13.30
CA ASP C 54 19.99 -1.45 12.47
C ASP C 54 20.79 -0.22 12.88
N TYR C 55 21.80 0.11 12.10
CA TYR C 55 22.51 1.39 12.20
C TYR C 55 22.38 2.13 10.86
N SER C 56 21.14 2.23 10.38
CA SER C 56 20.86 2.70 9.02
C SER C 56 20.92 4.21 8.84
N ASP C 57 21.10 4.95 9.94
CA ASP C 57 21.22 6.41 9.86
C ASP C 57 22.54 6.82 9.20
N LYS C 58 23.59 6.07 9.46
CA LYS C 58 24.93 6.42 8.98
C LYS C 58 25.67 5.27 8.28
N TYR C 59 25.38 4.04 8.69
CA TYR C 59 26.19 2.88 8.26
C TYR C 59 25.42 1.90 7.38
N GLY C 60 24.38 1.28 7.95
CA GLY C 60 23.60 0.27 7.25
C GLY C 60 23.05 -0.76 8.21
N LEU C 61 22.73 -1.93 7.69
CA LEU C 61 22.15 -3.00 8.50
C LEU C 61 23.06 -4.23 8.52
N GLY C 62 23.50 -4.60 9.72
CA GLY C 62 24.30 -5.82 9.90
C GLY C 62 23.41 -6.97 10.32
N TYR C 63 23.79 -8.18 9.93
CA TYR C 63 23.02 -9.37 10.28
C TYR C 63 23.90 -10.60 10.41
N GLN C 64 23.40 -11.61 11.12
CA GLN C 64 24.04 -12.92 11.18
C GLN C 64 23.04 -13.96 10.65
N LEU C 65 23.53 -14.91 9.85
CA LEU C 65 22.71 -16.07 9.49
C LEU C 65 23.00 -17.21 10.46
N CYS C 66 22.12 -18.22 10.46
CA CYS C 66 22.20 -19.33 11.40
C CYS C 66 23.46 -20.20 11.22
N ASP C 67 24.08 -20.09 10.05
CA ASP C 67 25.33 -20.82 9.78
C ASP C 67 26.57 -20.11 10.33
N ASN C 68 26.35 -18.99 11.05
CA ASN C 68 27.41 -18.17 11.68
C ASN C 68 28.14 -17.20 10.74
N SER C 69 27.69 -17.13 9.48
CA SER C 69 28.17 -16.09 8.58
C SER C 69 27.52 -14.77 8.97
N VAL C 70 28.15 -13.67 8.58
CA VAL C 70 27.62 -12.34 8.87
C VAL C 70 27.63 -11.47 7.61
N GLY C 71 26.77 -10.45 7.61
CA GLY C 71 26.64 -9.58 6.45
C GLY C 71 26.31 -8.15 6.81
N VAL C 72 26.68 -7.24 5.92
CA VAL C 72 26.31 -5.85 6.05
C VAL C 72 25.78 -5.34 4.72
N LEU C 73 24.56 -4.79 4.75
CA LEU C 73 24.03 -4.03 3.63
C LEU C 73 24.20 -2.56 3.99
N PHE C 74 25.17 -1.91 3.35
CA PHE C 74 25.52 -0.52 3.63
C PHE C 74 24.51 0.45 3.07
N ASN C 75 24.57 1.70 3.53
CA ASN C 75 23.70 2.77 3.02
C ASN C 75 23.84 3.04 1.53
N ASP C 76 25.06 2.86 1.00
CA ASP C 76 25.35 3.10 -0.42
C ASP C 76 24.94 1.96 -1.35
N SER C 77 24.20 0.99 -0.80
CA SER C 77 23.74 -0.22 -1.50
C SER C 77 24.84 -1.22 -1.88
N THR C 78 26.01 -1.09 -1.27
CA THR C 78 27.04 -2.13 -1.39
C THR C 78 26.89 -3.15 -0.26
N ARG C 79 27.41 -4.35 -0.48
CA ARG C 79 27.30 -5.44 0.49
C ARG C 79 28.65 -6.06 0.77
N LEU C 80 28.88 -6.37 2.04
CA LEU C 80 30.06 -7.12 2.45
C LEU C 80 29.59 -8.31 3.27
N ILE C 81 30.05 -9.50 2.90
CA ILE C 81 29.64 -10.75 3.54
C ILE C 81 30.85 -11.50 4.08
N LEU C 82 30.77 -11.87 5.35
CA LEU C 82 31.84 -12.64 5.98
C LEU C 82 31.33 -14.05 6.23
N TYR C 83 31.98 -15.03 5.60
CA TYR C 83 31.56 -16.43 5.69
C TYR C 83 31.84 -17.00 7.09
N ASN C 84 31.29 -18.18 7.37
CA ASN C 84 31.38 -18.74 8.72
C ASN C 84 32.77 -19.21 9.17
N ASP C 85 33.75 -19.14 8.27
CA ASP C 85 35.14 -19.37 8.66
C ASP C 85 35.73 -18.14 9.34
N GLY C 86 34.97 -17.04 9.34
CA GLY C 86 35.34 -15.81 10.03
C GLY C 86 36.53 -15.09 9.43
N ASP C 87 36.85 -15.39 8.17
CA ASP C 87 38.02 -14.83 7.49
C ASP C 87 37.76 -14.45 6.03
N SER C 88 37.07 -15.33 5.30
CA SER C 88 36.77 -15.10 3.89
C SER C 88 35.67 -14.07 3.71
N LEU C 89 35.90 -13.14 2.80
CA LEU C 89 34.96 -12.05 2.51
C LEU C 89 34.43 -12.07 1.09
N GLN C 90 33.19 -11.63 0.92
CA GLN C 90 32.63 -11.39 -0.40
C GLN C 90 32.07 -9.97 -0.46
N TYR C 91 32.58 -9.19 -1.42
CA TYR C 91 32.09 -7.84 -1.64
C TYR C 91 31.22 -7.77 -2.89
N ILE C 92 30.04 -7.17 -2.74
CA ILE C 92 29.13 -6.95 -3.87
C ILE C 92 28.91 -5.46 -4.09
N GLU C 93 29.36 -4.97 -5.26
CA GLU C 93 29.14 -3.58 -5.65
C GLU C 93 27.65 -3.30 -5.89
N ARG C 94 27.33 -2.03 -6.12
CA ARG C 94 25.95 -1.60 -6.37
C ARG C 94 25.35 -2.27 -7.61
N ASP C 95 26.14 -2.36 -8.67
CA ASP C 95 25.70 -3.00 -9.91
C ASP C 95 25.70 -4.54 -9.85
N GLY C 96 26.11 -5.09 -8.71
CA GLY C 96 26.07 -6.53 -8.48
C GLY C 96 27.37 -7.28 -8.70
N THR C 97 28.43 -6.56 -9.08
CA THR C 97 29.73 -7.18 -9.36
C THR C 97 30.40 -7.72 -8.09
N GLU C 98 30.74 -9.01 -8.13
CA GLU C 98 31.28 -9.71 -6.97
C GLU C 98 32.80 -9.83 -7.00
N SER C 99 33.39 -9.78 -5.81
CA SER C 99 34.82 -10.03 -5.66
C SER C 99 35.07 -10.79 -4.35
N TYR C 100 36.22 -11.44 -4.28
CA TYR C 100 36.56 -12.28 -3.13
C TYR C 100 37.87 -11.82 -2.51
N LEU C 101 37.90 -11.80 -1.18
CA LEU C 101 39.03 -11.30 -0.41
C LEU C 101 38.98 -11.90 0.98
N THR C 102 39.99 -11.62 1.80
CA THR C 102 39.97 -12.06 3.21
C THR C 102 40.13 -10.87 4.17
N VAL C 103 39.99 -11.14 5.46
CA VAL C 103 40.22 -10.14 6.51
C VAL C 103 41.69 -9.70 6.55
N SER C 104 42.59 -10.60 6.19
CA SER C 104 44.03 -10.34 6.23
C SER C 104 44.60 -9.91 4.88
N SER C 105 43.98 -10.37 3.80
CA SER C 105 44.43 -10.07 2.45
C SER C 105 43.29 -9.44 1.64
N HIS C 106 43.30 -8.11 1.55
CA HIS C 106 42.21 -7.37 0.93
C HIS C 106 42.70 -6.09 0.24
N PRO C 107 41.94 -5.59 -0.77
CA PRO C 107 42.34 -4.33 -1.37
C PRO C 107 42.18 -3.21 -0.34
N ASN C 108 43.21 -2.37 -0.25
CA ASN C 108 43.23 -1.24 0.69
C ASN C 108 41.99 -0.34 0.56
N SER C 109 41.36 -0.36 -0.61
CA SER C 109 40.15 0.42 -0.89
C SER C 109 38.94 -0.04 -0.09
N LEU C 110 38.97 -1.27 0.40
CA LEU C 110 37.90 -1.82 1.22
C LEU C 110 38.20 -1.81 2.73
N MET C 111 39.31 -1.18 3.11
CA MET C 111 39.75 -1.12 4.50
C MET C 111 38.65 -0.64 5.46
N LYS C 112 38.07 0.52 5.16
CA LYS C 112 37.11 1.13 6.09
C LYS C 112 35.77 0.40 6.16
N LYS C 113 35.35 -0.23 5.06
CA LYS C 113 34.13 -1.05 5.05
C LYS C 113 34.33 -2.36 5.78
N ILE C 114 35.53 -2.93 5.68
CA ILE C 114 35.91 -4.12 6.45
C ILE C 114 35.97 -3.82 7.94
N THR C 115 36.48 -2.63 8.27
CA THR C 115 36.50 -2.12 9.64
C THR C 115 35.07 -1.96 10.19
N LEU C 116 34.16 -1.50 9.35
CA LEU C 116 32.76 -1.29 9.74
C LEU C 116 32.05 -2.64 9.94
N LEU C 117 32.36 -3.61 9.07
CA LEU C 117 31.82 -4.95 9.21
C LEU C 117 32.26 -5.59 10.53
N LYS C 118 33.53 -5.40 10.88
CA LYS C 118 34.06 -5.88 12.15
C LYS C 118 33.35 -5.24 13.33
N TYR C 119 33.03 -3.95 13.21
CA TYR C 119 32.21 -3.25 14.20
C TYR C 119 30.82 -3.90 14.37
N PHE C 120 30.14 -4.12 13.24
CA PHE C 120 28.87 -4.85 13.23
C PHE C 120 29.02 -6.25 13.85
N ARG C 121 30.05 -6.97 13.41
CA ARG C 121 30.37 -8.30 13.92
C ARG C 121 30.57 -8.29 15.44
N ASN C 122 31.40 -7.36 15.92
CA ASN C 122 31.65 -7.17 17.35
C ASN C 122 30.39 -6.88 18.16
N TYR C 123 29.54 -5.97 17.66
CA TYR C 123 28.28 -5.64 18.34
C TYR C 123 27.40 -6.88 18.53
N MET C 124 27.16 -7.61 17.45
CA MET C 124 26.25 -8.77 17.48
C MET C 124 26.77 -9.86 18.40
N SER C 125 28.09 -10.04 18.39
CA SER C 125 28.78 -11.02 19.19
C SER C 125 28.69 -10.71 20.68
N GLU C 126 28.78 -9.42 21.03
CA GLU C 126 28.85 -8.99 22.42
CA GLU C 126 28.85 -8.96 22.41
C GLU C 126 27.48 -8.61 22.99
N HIS C 127 26.52 -8.30 22.12
CA HIS C 127 25.22 -7.78 22.58
C HIS C 127 23.96 -8.56 22.22
N LEU C 128 24.07 -9.57 21.36
CA LEU C 128 22.89 -10.23 20.85
C LEU C 128 22.94 -11.75 20.97
N LEU C 129 21.76 -12.34 21.18
CA LEU C 129 21.58 -13.79 21.32
C LEU C 129 21.18 -14.42 19.98
N LYS C 130 21.72 -15.61 19.72
CA LYS C 130 21.53 -16.29 18.45
C LYS C 130 20.18 -17.00 18.41
N ALA C 131 19.26 -16.48 17.59
CA ALA C 131 17.92 -17.03 17.46
C ALA C 131 17.92 -18.40 16.76
N GLY C 132 17.18 -19.36 17.32
CA GLY C 132 17.08 -20.71 16.78
C GLY C 132 18.34 -21.55 16.94
N ALA C 133 19.17 -21.20 17.91
CA ALA C 133 20.46 -21.86 18.12
C ALA C 133 20.37 -23.36 18.40
N ASN C 134 19.28 -23.77 19.05
CA ASN C 134 19.07 -25.18 19.39
C ASN C 134 18.48 -26.01 18.24
N ILE C 135 18.33 -25.39 17.08
CA ILE C 135 17.70 -26.03 15.91
C ILE C 135 18.72 -26.32 14.82
N THR C 136 18.78 -27.57 14.38
CA THR C 136 19.63 -27.96 13.25
C THR C 136 18.95 -27.52 11.95
N PRO C 137 19.59 -26.61 11.20
CA PRO C 137 18.99 -26.18 9.94
C PRO C 137 19.05 -27.31 8.91
N ARG C 138 18.07 -27.35 8.03
CA ARG C 138 18.07 -28.28 6.90
C ARG C 138 19.30 -28.02 6.05
N GLU C 139 19.86 -29.07 5.46
CA GLU C 139 21.00 -28.91 4.57
C GLU C 139 20.59 -28.84 3.12
N GLY C 140 21.11 -27.84 2.42
CA GLY C 140 20.99 -27.75 0.97
C GLY C 140 22.28 -28.27 0.36
N ASP C 141 22.47 -28.01 -0.93
CA ASP C 141 23.68 -28.40 -1.63
C ASP C 141 24.86 -27.55 -1.15
N GLU C 142 25.99 -28.20 -0.86
CA GLU C 142 27.21 -27.53 -0.38
C GLU C 142 27.68 -26.43 -1.32
N LEU C 143 27.38 -26.58 -2.61
CA LEU C 143 27.82 -25.65 -3.64
C LEU C 143 26.85 -24.50 -3.95
N ALA C 144 25.65 -24.54 -3.36
CA ALA C 144 24.69 -23.45 -3.48
C ALA C 144 25.24 -22.16 -2.90
N ARG C 145 24.87 -21.02 -3.50
CA ARG C 145 25.35 -19.71 -3.06
C ARG C 145 24.78 -19.38 -1.69
N LEU C 146 25.60 -18.72 -0.87
CA LEU C 146 25.17 -18.19 0.42
C LEU C 146 24.19 -17.04 0.16
N PRO C 147 22.97 -17.12 0.72
CA PRO C 147 22.06 -16.00 0.55
C PRO C 147 22.55 -14.73 1.24
N TYR C 148 22.12 -13.58 0.72
CA TYR C 148 22.39 -12.29 1.34
C TYR C 148 21.09 -11.53 1.47
N LEU C 149 21.12 -10.44 2.25
CA LEU C 149 19.95 -9.58 2.42
C LEU C 149 19.73 -8.71 1.17
N ARG C 150 18.64 -9.01 0.45
CA ARG C 150 18.27 -8.29 -0.77
CA ARG C 150 18.29 -8.29 -0.77
C ARG C 150 17.69 -6.92 -0.43
N THR C 151 16.66 -6.93 0.40
CA THR C 151 15.95 -5.72 0.83
C THR C 151 15.54 -5.91 2.27
N TRP C 152 15.28 -4.79 2.95
CA TRP C 152 14.73 -4.79 4.29
C TRP C 152 14.01 -3.47 4.56
N PHE C 153 13.00 -3.51 5.41
CA PHE C 153 12.37 -2.30 5.92
C PHE C 153 11.79 -2.57 7.31
N ARG C 154 11.42 -1.51 8.01
CA ARG C 154 10.86 -1.63 9.35
C ARG C 154 9.50 -0.92 9.45
N THR C 155 8.60 -1.54 10.19
CA THR C 155 7.31 -0.95 10.52
C THR C 155 7.29 -0.68 12.02
N ARG C 156 6.13 -0.29 12.55
CA ARG C 156 5.97 -0.07 13.99
C ARG C 156 6.22 -1.36 14.80
N SER C 157 5.83 -2.50 14.24
CA SER C 157 5.86 -3.75 15.00
C SER C 157 6.89 -4.79 14.56
N ALA C 158 7.54 -4.58 13.42
CA ALA C 158 8.41 -5.61 12.84
C ALA C 158 9.50 -5.10 11.91
N ILE C 159 10.55 -5.90 11.78
CA ILE C 159 11.51 -5.74 10.69
C ILE C 159 11.29 -6.85 9.67
N ILE C 160 11.31 -6.47 8.40
CA ILE C 160 11.07 -7.39 7.30
C ILE C 160 12.38 -7.59 6.57
N LEU C 161 12.81 -8.84 6.48
CA LEU C 161 14.09 -9.18 5.87
C LEU C 161 13.88 -10.09 4.67
N HIS C 162 14.19 -9.58 3.48
CA HIS C 162 14.07 -10.34 2.23
C HIS C 162 15.44 -10.88 1.81
N LEU C 163 15.59 -12.20 1.84
CA LEU C 163 16.84 -12.87 1.52
C LEU C 163 16.91 -13.27 0.05
N SER C 164 18.12 -13.39 -0.49
CA SER C 164 18.33 -13.61 -1.93
C SER C 164 17.92 -15.00 -2.44
N ASN C 165 17.54 -15.90 -1.52
CA ASN C 165 17.07 -17.23 -1.91
C ASN C 165 15.54 -17.31 -1.99
N GLY C 166 14.88 -16.17 -1.84
CA GLY C 166 13.42 -16.09 -1.94
C GLY C 166 12.74 -15.97 -0.59
N SER C 167 13.45 -16.31 0.48
CA SER C 167 12.86 -16.29 1.82
C SER C 167 12.59 -14.89 2.35
N VAL C 168 11.49 -14.76 3.07
CA VAL C 168 11.12 -13.51 3.73
C VAL C 168 10.97 -13.79 5.22
N GLN C 169 11.79 -13.12 6.02
CA GLN C 169 11.72 -13.23 7.47
C GLN C 169 11.12 -11.96 8.08
N ILE C 170 10.22 -12.16 9.04
CA ILE C 170 9.58 -11.06 9.73
C ILE C 170 9.77 -11.26 11.24
N ASN C 171 10.55 -10.38 11.85
CA ASN C 171 10.80 -10.41 13.28
C ASN C 171 9.93 -9.37 13.97
N PHE C 172 9.03 -9.84 14.83
CA PHE C 172 8.10 -8.97 15.55
C PHE C 172 8.69 -8.46 16.87
N PHE C 173 8.88 -7.14 16.97
CA PHE C 173 9.63 -6.52 18.07
C PHE C 173 9.09 -6.85 19.46
N GLN C 174 7.79 -6.58 19.65
CA GLN C 174 7.17 -6.57 20.97
C GLN C 174 7.25 -7.88 21.74
N ASP C 175 6.86 -8.97 21.08
CA ASP C 175 6.81 -10.27 21.74
C ASP C 175 7.90 -11.22 21.28
N HIS C 176 8.77 -10.71 20.40
CA HIS C 176 9.96 -11.43 19.91
C HIS C 176 9.66 -12.69 19.11
N THR C 177 8.48 -12.71 18.49
CA THR C 177 8.08 -13.81 17.62
C THR C 177 8.63 -13.58 16.22
N LYS C 178 8.79 -14.66 15.46
CA LYS C 178 9.42 -14.59 14.15
C LYS C 178 8.74 -15.51 13.15
N LEU C 179 8.51 -14.99 11.94
CA LEU C 179 8.06 -15.80 10.82
C LEU C 179 9.15 -15.92 9.76
N ILE C 180 9.40 -17.15 9.32
CA ILE C 180 10.30 -17.41 8.21
C ILE C 180 9.48 -18.08 7.11
N LEU C 181 9.37 -17.39 5.98
CA LEU C 181 8.54 -17.86 4.88
C LEU C 181 9.40 -18.29 3.70
N CYS C 182 9.18 -19.50 3.20
CA CYS C 182 9.93 -19.99 2.05
C CYS C 182 8.98 -20.34 0.90
N PRO C 183 9.10 -19.62 -0.23
CA PRO C 183 8.22 -19.85 -1.38
C PRO C 183 8.52 -21.15 -2.12
N LEU C 184 9.74 -21.67 -1.98
CA LEU C 184 10.14 -22.91 -2.65
C LEU C 184 9.51 -24.13 -1.99
N MET C 185 9.50 -24.14 -0.66
CA MET C 185 8.87 -25.21 0.11
C MET C 185 7.37 -24.95 0.33
N ALA C 186 6.93 -23.73 0.00
CA ALA C 186 5.60 -23.24 0.35
C ALA C 186 5.34 -23.52 1.83
N ALA C 187 6.28 -23.07 2.65
CA ALA C 187 6.31 -23.37 4.08
C ALA C 187 6.51 -22.13 4.91
N VAL C 188 6.11 -22.24 6.18
CA VAL C 188 6.31 -21.16 7.13
C VAL C 188 6.87 -21.72 8.44
N THR C 189 7.88 -21.06 8.97
CA THR C 189 8.39 -21.38 10.30
C THR C 189 7.97 -20.28 11.26
N TYR C 190 7.46 -20.69 12.41
CA TYR C 190 7.09 -19.75 13.46
C TYR C 190 7.90 -20.01 14.72
N ILE C 191 8.58 -18.97 15.21
CA ILE C 191 9.28 -19.03 16.49
C ILE C 191 8.49 -18.19 17.50
N ASP C 192 7.83 -18.85 18.44
CA ASP C 192 6.96 -18.15 19.41
C ASP C 192 7.72 -17.43 20.53
N GLU C 193 6.98 -16.80 21.45
CA GLU C 193 7.56 -16.03 22.54
C GLU C 193 8.38 -16.88 23.53
N LYS C 194 8.10 -18.18 23.52
CA LYS C 194 8.81 -19.16 24.36
C LYS C 194 10.01 -19.76 23.61
N ARG C 195 10.36 -19.16 22.47
CA ARG C 195 11.43 -19.64 21.57
C ARG C 195 11.20 -21.05 21.02
N ASP C 196 9.94 -21.48 20.96
CA ASP C 196 9.57 -22.75 20.36
C ASP C 196 9.53 -22.59 18.83
N PHE C 197 10.24 -23.48 18.14
CA PHE C 197 10.51 -23.39 16.71
C PHE C 197 9.66 -24.46 15.99
N ARG C 198 8.72 -24.00 15.17
CA ARG C 198 7.79 -24.90 14.45
C ARG C 198 7.69 -24.56 12.97
N THR C 199 7.85 -25.59 12.13
CA THR C 199 7.80 -25.40 10.68
C THR C 199 6.57 -26.10 10.06
N TYR C 200 5.77 -25.32 9.35
CA TYR C 200 4.51 -25.80 8.78
C TYR C 200 4.48 -25.70 7.26
N ARG C 201 3.87 -26.69 6.62
CA ARG C 201 3.55 -26.63 5.20
CA ARG C 201 3.57 -26.60 5.20
C ARG C 201 2.26 -25.82 5.06
N LEU C 202 2.26 -24.80 4.20
CA LEU C 202 1.13 -23.87 4.11
C LEU C 202 -0.19 -24.54 3.73
N SER C 203 -0.15 -25.44 2.76
CA SER C 203 -1.34 -26.15 2.29
C SER C 203 -2.01 -26.97 3.39
N LEU C 204 -1.20 -27.45 4.34
CA LEU C 204 -1.71 -28.23 5.48
C LEU C 204 -2.34 -27.35 6.56
N LEU C 205 -1.86 -26.11 6.68
CA LEU C 205 -2.52 -25.13 7.57
C LEU C 205 -3.91 -24.79 7.02
N GLU C 206 -4.06 -24.82 5.70
CA GLU C 206 -5.36 -24.62 5.08
C GLU C 206 -6.33 -25.73 5.48
N GLU C 207 -5.85 -26.96 5.44
CA GLU C 207 -6.67 -28.14 5.74
C GLU C 207 -6.95 -28.32 7.24
N TYR C 208 -5.95 -28.08 8.07
CA TYR C 208 -6.08 -28.35 9.52
C TYR C 208 -6.37 -27.10 10.36
N GLY C 209 -6.11 -25.93 9.80
CA GLY C 209 -6.31 -24.67 10.52
C GLY C 209 -5.19 -24.37 11.48
N CYS C 210 -5.27 -23.21 12.13
CA CYS C 210 -4.26 -22.80 13.11
C CYS C 210 -4.85 -21.84 14.16
N CYS C 211 -4.07 -21.55 15.19
CA CYS C 211 -4.47 -20.62 16.25
C CYS C 211 -4.53 -19.17 15.75
N LYS C 212 -5.25 -18.34 16.50
CA LYS C 212 -5.40 -16.91 16.22
C LYS C 212 -4.05 -16.21 16.04
N GLU C 213 -3.09 -16.58 16.89
CA GLU C 213 -1.72 -16.04 16.86
C GLU C 213 -1.04 -16.21 15.50
N LEU C 214 -1.03 -17.45 14.99
CA LEU C 214 -0.40 -17.72 13.70
C LEU C 214 -1.17 -17.07 12.54
N ALA C 215 -2.50 -17.17 12.58
CA ALA C 215 -3.35 -16.66 11.51
C ALA C 215 -3.16 -15.16 11.26
N SER C 216 -3.13 -14.36 12.32
CA SER C 216 -3.03 -12.92 12.19
C SER C 216 -1.64 -12.48 11.72
N ARG C 217 -0.61 -13.20 12.16
CA ARG C 217 0.75 -12.96 11.69
C ARG C 217 0.94 -13.33 10.22
N LEU C 218 0.15 -14.29 9.73
CA LEU C 218 0.16 -14.63 8.30
C LEU C 218 -0.59 -13.59 7.47
N ARG C 219 -1.65 -13.01 8.03
CA ARG C 219 -2.34 -11.89 7.40
C ARG C 219 -1.39 -10.69 7.30
N TYR C 220 -0.64 -10.43 8.38
CA TYR C 220 0.36 -9.37 8.42
C TYR C 220 1.48 -9.67 7.42
N ALA C 221 1.89 -10.93 7.34
CA ALA C 221 2.92 -11.37 6.39
C ALA C 221 2.55 -11.06 4.95
N ARG C 222 1.27 -11.22 4.61
CA ARG C 222 0.76 -10.94 3.27
C ARG C 222 0.91 -9.46 2.90
N THR C 223 0.52 -8.58 3.82
CA THR C 223 0.65 -7.14 3.65
C THR C 223 2.11 -6.72 3.42
N MET C 224 3.03 -7.35 4.15
CA MET C 224 4.47 -7.06 4.02
C MET C 224 5.06 -7.50 2.68
N VAL C 225 4.65 -8.68 2.21
CA VAL C 225 5.10 -9.21 0.91
C VAL C 225 4.59 -8.32 -0.21
N ASP C 226 3.33 -7.91 -0.10
CA ASP C 226 2.75 -6.93 -1.00
C ASP C 226 3.57 -5.63 -0.99
N LYS C 227 3.98 -5.19 0.19
CA LYS C 227 4.79 -3.99 0.34
C LYS C 227 6.17 -4.17 -0.31
N LEU C 228 6.73 -5.36 -0.18
CA LEU C 228 7.98 -5.71 -0.87
C LEU C 228 7.83 -5.62 -2.38
N LEU C 229 6.73 -6.16 -2.89
CA LEU C 229 6.44 -6.15 -4.33
C LEU C 229 6.17 -4.75 -4.87
N SER C 230 5.46 -3.93 -4.11
CA SER C 230 5.11 -2.56 -4.53
C SER C 230 6.26 -1.56 -4.38
N SER C 231 7.23 -1.90 -3.52
CA SER C 231 8.40 -1.04 -3.34
C SER C 231 9.63 -1.60 -4.07
C ACE D 1 -9.18 26.82 20.47
O ACE D 1 -9.74 27.30 21.45
CH3 ACE D 1 -8.70 27.68 19.34
N MET D 2 -8.66 25.58 20.49
CA MET D 2 -9.28 24.44 21.18
C MET D 2 -8.52 23.14 20.91
N GLN D 3 -8.72 22.16 21.78
CA GLN D 3 -8.07 20.85 21.65
C GLN D 3 -9.06 19.77 22.11
N SER D 4 -8.75 18.51 21.77
CA SER D 4 -9.52 17.37 22.25
C SER D 4 -9.32 17.17 23.77
N SEP D 5 -10.04 16.20 24.33
CA SEP D 5 -10.07 15.98 25.78
CB SEP D 5 -11.09 14.90 26.11
OG SEP D 5 -12.39 15.33 25.72
C SEP D 5 -8.70 15.66 26.38
O SEP D 5 -7.96 14.84 25.83
P SEP D 5 -12.98 14.47 24.49
O1P SEP D 5 -13.13 12.92 24.91
O2P SEP D 5 -12.03 14.58 23.21
O3P SEP D 5 -14.42 15.08 24.15
N PRO D 6 -8.35 16.32 27.50
CA PRO D 6 -7.01 16.21 28.07
C PRO D 6 -6.84 15.09 29.11
N LEU D 7 -5.58 14.75 29.39
CA LEU D 7 -5.23 13.77 30.42
C LEU D 7 -5.57 14.29 31.82
N NH2 D 8 -5.89 13.37 32.72
C ACE E 1 3.30 18.26 -10.84
O ACE E 1 4.10 18.76 -10.06
CH3 ACE E 1 2.51 19.09 -11.82
N MET E 2 3.41 16.99 -11.19
CA MET E 2 2.68 15.90 -10.54
C MET E 2 3.28 14.54 -10.91
N GLN E 3 2.91 13.53 -10.14
CA GLN E 3 3.50 12.20 -10.25
C GLN E 3 2.52 11.16 -9.71
N SER E 4 2.81 9.88 -9.99
CA SER E 4 2.03 8.77 -9.46
C SER E 4 2.23 8.62 -7.95
N SEP E 5 1.54 7.66 -7.34
CA SEP E 5 1.50 7.52 -5.88
CB SEP E 5 0.45 6.48 -5.49
OG SEP E 5 -0.85 7.02 -5.73
C SEP E 5 2.87 7.20 -5.27
O SEP E 5 3.67 6.51 -5.89
P SEP E 5 -1.62 6.29 -6.95
O1P SEP E 5 -1.92 4.77 -6.54
O2P SEP E 5 -0.72 6.32 -8.29
O3P SEP E 5 -3.00 7.09 -7.17
N PRO E 6 3.14 7.72 -4.06
CA PRO E 6 4.46 7.57 -3.43
C PRO E 6 4.66 6.23 -2.72
N LEU E 7 5.93 5.88 -2.46
CA LEU E 7 6.26 4.76 -1.57
C LEU E 7 5.63 4.94 -0.20
N NH2 E 8 5.32 3.83 0.46
C1 GOL F . -33.91 9.75 14.02
O1 GOL F . -32.59 9.81 14.52
C2 GOL F . -34.94 10.38 14.95
O2 GOL F . -35.47 9.41 15.83
C3 GOL F . -36.13 10.99 14.19
O3 GOL F . -35.79 11.51 12.93
C1 GOL G . -6.84 6.43 2.08
O1 GOL G . -7.90 5.71 2.67
C2 GOL G . -7.38 7.58 1.23
O2 GOL G . -6.60 8.74 1.46
C3 GOL G . -7.34 7.22 -0.24
O3 GOL G . -7.75 8.33 -1.02
C1 GOL H . 13.88 3.13 -40.60
O1 GOL H . 14.73 3.42 -39.52
C2 GOL H . 12.70 2.25 -40.19
O2 GOL H . 13.12 1.18 -39.37
C3 GOL H . 11.62 3.08 -39.49
O3 GOL H . 11.01 2.35 -38.45
C1 GOL I . -22.97 -14.96 -22.73
O1 GOL I . -21.87 -15.62 -22.15
C2 GOL I . -24.15 -15.06 -21.77
O2 GOL I . -23.91 -14.26 -20.63
C3 GOL I . -25.41 -14.57 -22.47
O3 GOL I . -26.56 -14.93 -21.75
C1 GOL J . 15.71 17.69 -24.06
O1 GOL J . 16.26 18.63 -24.96
C2 GOL J . 14.50 17.02 -24.70
O2 GOL J . 14.70 16.89 -26.09
C3 GOL J . 13.25 17.86 -24.43
O3 GOL J . 12.26 17.56 -25.37
#